data_7PMY
#
_entry.id   7PMY
#
_cell.length_a   1.00
_cell.length_b   1.00
_cell.length_c   1.00
_cell.angle_alpha   90.00
_cell.angle_beta   90.00
_cell.angle_gamma   90.00
#
_symmetry.space_group_name_H-M   'P 1'
#
loop_
_entity.id
_entity.type
_entity.pdbx_description
1 polymer 'Solute carrier family 15 member 2'
2 polymer ALA-PHE
#
loop_
_entity_poly.entity_id
_entity_poly.type
_entity_poly.pdbx_seq_one_letter_code
_entity_poly.pdbx_strand_id
1 'polypeptide(L)'
;MNPFQKNESKETLFSPVSIEEVPPRPPSPPKKPSPTICGSNYPLSIAFIVVNEFCERFSYYGMKAVLILYFLYFLHWNED
TSTSIYHAFSSLCYFTPILGAAIADSWLGKFKTIIYLSLVYVLGHVIKSLGALPILGGQVVHTVLSLIGLSLIALGTGGI
KPCVAAFGGDQFEEKHAEERTRYFSVFYLSINAGSLISTFITPMLRGDVQCFGEDCYALAFGVPGLLMVIALVVFAMGSK
IYNKPPPEGNIVAQVFKCIWFAISNRFKNRSGDIPKRQHWLDWAAEKYPKQLIMDVKALTRVLFLYIPLPMFWALLDQQG
SRWTLQAIRMNRNLGFFVLQPDQMQVLNPLLVLIFIPLFDFVIYRLVSKCGINFSSLRKMAVGMILACLAFAVAAAVEIK
INEMAPAQPGPQEVFLQVLNLADDEVKVTVVGNENNSLLIESIKSFQKTPHYSKLHLKTKSQDFHFHLKYHNLSLYTEHS
VQEKNWYSLVIREDGNSISSMMVKDTESRTTNGMTTVRFVNTLHKDVNISLSTDTSLNVGEDYGVSAYRTVQRGEYPAVH
CRTEDKNFSLNLGLLDFGAAYLFVITNNTNQGLQAWKIEDIPANKMSIAWQLPQYALVTAGEVMFSVTGLEFSYSQAPSS
MKSVLQAAWLLTIAVGNIIVLVVAQFSGLVQWAEFILFSCLLLVICLIFSIMGYYYVPVKTEDMRGPADKHIPHIQGNMI
KLETKKTKL
;
A
2 'polypeptide(L)' AF B
#
# COMPACT_ATOMS: atom_id res chain seq x y z
N ASN A 41 5.85 -26.16 35.21
CA ASN A 41 5.80 -26.57 33.78
C ASN A 41 4.94 -25.60 32.96
N TYR A 42 3.99 -24.95 33.63
CA TYR A 42 3.13 -23.99 32.94
C TYR A 42 3.89 -22.90 32.23
N PRO A 43 4.92 -22.28 32.81
CA PRO A 43 5.60 -21.18 32.09
C PRO A 43 6.11 -21.56 30.72
N LEU A 44 6.52 -22.81 30.51
CA LEU A 44 6.97 -23.28 29.21
C LEU A 44 5.83 -23.86 28.38
N SER A 45 4.63 -23.97 28.94
CA SER A 45 3.54 -24.66 28.25
C SER A 45 3.14 -23.96 26.95
N ILE A 46 3.03 -22.63 26.97
CA ILE A 46 2.41 -21.90 25.88
C ILE A 46 3.39 -20.93 25.25
N ALA A 47 4.67 -21.02 25.64
CA ALA A 47 5.66 -20.10 25.10
C ALA A 47 5.79 -20.23 23.59
N PHE A 48 5.77 -21.47 23.09
CA PHE A 48 6.01 -21.69 21.67
C PHE A 48 4.93 -21.05 20.80
N ILE A 49 3.67 -21.18 21.20
CA ILE A 49 2.58 -20.73 20.35
C ILE A 49 2.67 -19.23 20.12
N VAL A 50 2.85 -18.46 21.19
CA VAL A 50 2.90 -17.01 21.05
C VAL A 50 4.10 -16.60 20.20
N VAL A 51 5.26 -17.22 20.42
CA VAL A 51 6.43 -16.91 19.59
C VAL A 51 6.16 -17.28 18.14
N ASN A 52 5.45 -18.38 17.90
CA ASN A 52 5.12 -18.76 16.54
C ASN A 52 4.23 -17.71 15.88
N GLU A 53 3.24 -17.21 16.62
CA GLU A 53 2.35 -16.19 16.05
C GLU A 53 3.14 -14.94 15.65
N PHE A 54 4.05 -14.49 16.52
CA PHE A 54 4.85 -13.32 16.20
C PHE A 54 5.62 -13.52 14.90
N CYS A 55 6.34 -14.63 14.79
CA CYS A 55 7.08 -14.92 13.57
C CYS A 55 6.15 -15.08 12.38
N GLU A 56 5.02 -15.79 12.58
CA GLU A 56 4.11 -16.04 11.46
C GLU A 56 3.48 -14.74 10.97
N ARG A 57 2.98 -13.92 11.90
CA ARG A 57 2.38 -12.65 11.49
C ARG A 57 3.44 -11.64 11.05
N PHE A 58 4.69 -11.81 11.48
CA PHE A 58 5.77 -11.03 10.90
C PHE A 58 5.87 -11.29 9.41
N SER A 59 5.88 -12.57 9.03
CA SER A 59 6.04 -12.93 7.62
C SER A 59 4.88 -12.39 6.79
N TYR A 60 3.66 -12.55 7.28
CA TYR A 60 2.49 -12.21 6.49
C TYR A 60 2.45 -10.71 6.18
N TYR A 61 2.56 -9.88 7.22
CA TYR A 61 2.42 -8.44 7.01
C TYR A 61 3.58 -7.88 6.20
N GLY A 62 4.79 -8.35 6.44
CA GLY A 62 5.93 -7.87 5.65
C GLY A 62 5.71 -8.10 4.17
N MET A 63 5.21 -9.28 3.81
CA MET A 63 4.92 -9.57 2.41
C MET A 63 3.81 -8.66 1.89
N LYS A 64 2.80 -8.41 2.71
CA LYS A 64 1.67 -7.60 2.28
C LYS A 64 1.94 -6.12 2.40
N ALA A 65 3.00 -5.71 3.10
CA ALA A 65 3.32 -4.30 3.19
C ALA A 65 3.80 -3.75 1.84
N VAL A 66 4.73 -4.46 1.20
CA VAL A 66 5.26 -4.01 -0.09
C VAL A 66 4.45 -4.56 -1.27
N LEU A 67 3.36 -5.27 -1.01
CA LEU A 67 2.63 -5.92 -2.09
C LEU A 67 2.07 -4.91 -3.08
N ILE A 68 1.52 -3.80 -2.58
CA ILE A 68 0.89 -2.84 -3.47
C ILE A 68 1.92 -2.18 -4.37
N LEU A 69 3.06 -1.75 -3.81
CA LEU A 69 4.09 -1.13 -4.64
C LEU A 69 4.66 -2.13 -5.64
N TYR A 70 4.82 -3.39 -5.23
CA TYR A 70 5.31 -4.41 -6.15
C TYR A 70 4.48 -4.45 -7.42
N PHE A 71 3.17 -4.24 -7.31
CA PHE A 71 2.32 -4.23 -8.49
C PHE A 71 2.54 -2.98 -9.33
N LEU A 72 2.60 -1.81 -8.69
CA LEU A 72 2.68 -0.57 -9.45
C LEU A 72 3.99 -0.44 -10.21
N TYR A 73 5.11 -0.80 -9.56
CA TYR A 73 6.43 -0.52 -10.11
C TYR A 73 7.11 -1.71 -10.76
N PHE A 74 6.69 -2.94 -10.45
CA PHE A 74 7.29 -4.12 -11.04
C PHE A 74 6.44 -4.72 -12.15
N LEU A 75 5.16 -4.99 -11.90
CA LEU A 75 4.27 -5.46 -12.94
C LEU A 75 3.68 -4.33 -13.77
N HIS A 76 3.90 -3.08 -13.37
CA HIS A 76 3.47 -1.91 -14.14
C HIS A 76 1.95 -1.86 -14.31
N TRP A 77 1.21 -2.42 -13.36
CA TRP A 77 -0.24 -2.32 -13.41
C TRP A 77 -0.72 -0.94 -12.98
N ASN A 78 -1.90 -0.56 -13.46
CA ASN A 78 -2.49 0.70 -13.08
C ASN A 78 -3.05 0.63 -11.66
N GLU A 79 -3.49 1.79 -11.17
CA GLU A 79 -3.97 1.87 -9.79
C GLU A 79 -5.21 1.02 -9.58
N ASP A 80 -6.21 1.16 -10.46
CA ASP A 80 -7.44 0.40 -10.30
C ASP A 80 -7.19 -1.10 -10.39
N THR A 81 -6.35 -1.52 -11.35
CA THR A 81 -6.03 -2.93 -11.45
C THR A 81 -5.14 -3.38 -10.31
N SER A 82 -4.29 -2.49 -9.80
CA SER A 82 -3.39 -2.85 -8.71
C SER A 82 -4.15 -2.98 -7.40
N THR A 83 -5.06 -2.04 -7.13
CA THR A 83 -5.84 -2.10 -5.90
C THR A 83 -6.82 -3.27 -5.92
N SER A 84 -7.40 -3.55 -7.08
CA SER A 84 -8.38 -4.64 -7.18
C SER A 84 -7.73 -5.97 -6.81
N ILE A 85 -6.61 -6.30 -7.43
CA ILE A 85 -5.96 -7.58 -7.16
C ILE A 85 -5.53 -7.67 -5.70
N TYR A 86 -4.94 -6.59 -5.17
CA TYR A 86 -4.49 -6.61 -3.78
C TYR A 86 -5.64 -6.96 -2.84
N HIS A 87 -6.77 -6.26 -2.97
CA HIS A 87 -7.89 -6.51 -2.07
C HIS A 87 -8.55 -7.85 -2.34
N ALA A 88 -8.48 -8.34 -3.58
CA ALA A 88 -8.97 -9.68 -3.86
C ALA A 88 -8.16 -10.71 -3.07
N PHE A 89 -6.84 -10.54 -3.03
CA PHE A 89 -5.99 -11.45 -2.29
C PHE A 89 -6.30 -11.41 -0.80
N SER A 90 -6.46 -10.20 -0.25
CA SER A 90 -6.80 -10.09 1.16
C SER A 90 -8.13 -10.76 1.48
N SER A 91 -9.15 -10.52 0.65
CA SER A 91 -10.43 -11.19 0.86
C SER A 91 -10.28 -12.69 0.77
N LEU A 92 -9.62 -13.17 -0.28
CA LEU A 92 -9.39 -14.61 -0.41
C LEU A 92 -8.55 -15.15 0.73
N CYS A 93 -7.70 -14.30 1.32
CA CYS A 93 -6.88 -14.72 2.44
C CYS A 93 -7.71 -15.09 3.66
N TYR A 94 -8.96 -14.64 3.73
CA TYR A 94 -9.87 -14.95 4.83
C TYR A 94 -11.12 -15.69 4.39
N PHE A 95 -11.58 -15.48 3.16
CA PHE A 95 -12.90 -15.95 2.76
C PHE A 95 -13.02 -17.46 2.85
N THR A 96 -12.29 -18.19 2.01
CA THR A 96 -12.38 -19.64 1.97
C THR A 96 -11.47 -20.31 2.99
N PRO A 97 -10.20 -19.87 3.12
CA PRO A 97 -9.25 -20.64 3.92
C PRO A 97 -9.72 -20.96 5.33
N ILE A 98 -10.42 -20.03 5.99
CA ILE A 98 -10.95 -20.34 7.31
C ILE A 98 -11.91 -21.53 7.24
N LEU A 99 -12.81 -21.52 6.26
CA LEU A 99 -13.76 -22.63 6.14
C LEU A 99 -13.01 -23.93 5.85
N GLY A 100 -12.01 -23.89 4.98
CA GLY A 100 -11.19 -25.06 4.77
C GLY A 100 -10.48 -25.49 6.05
N ALA A 101 -10.04 -24.52 6.84
CA ALA A 101 -9.36 -24.84 8.11
C ALA A 101 -10.27 -25.62 9.04
N ALA A 102 -11.49 -25.13 9.23
CA ALA A 102 -12.44 -25.83 10.08
C ALA A 102 -12.76 -27.22 9.54
N ILE A 103 -12.96 -27.32 8.22
CA ILE A 103 -13.21 -28.62 7.61
C ILE A 103 -12.01 -29.54 7.80
N ALA A 104 -10.80 -29.00 7.61
CA ALA A 104 -9.60 -29.81 7.85
C ALA A 104 -9.57 -30.33 9.29
N ASP A 105 -9.99 -29.49 10.23
CA ASP A 105 -10.04 -29.93 11.63
C ASP A 105 -11.12 -30.99 11.86
N SER A 106 -12.05 -31.15 10.93
CA SER A 106 -13.14 -32.10 11.12
C SER A 106 -12.63 -33.54 11.26
N TRP A 107 -11.53 -33.89 10.59
CA TRP A 107 -11.02 -35.25 10.65
C TRP A 107 -9.53 -35.30 10.90
N LEU A 108 -8.83 -34.19 10.70
CA LEU A 108 -7.37 -34.17 10.84
C LEU A 108 -6.92 -33.69 12.22
N GLY A 109 -7.68 -32.83 12.87
CA GLY A 109 -7.30 -32.28 14.15
C GLY A 109 -6.58 -30.95 14.03
N LYS A 110 -6.55 -30.22 15.15
CA LYS A 110 -5.98 -28.89 15.15
C LYS A 110 -4.48 -28.92 14.91
N PHE A 111 -3.75 -29.76 15.65
CA PHE A 111 -2.30 -29.75 15.59
C PHE A 111 -1.80 -30.09 14.20
N LYS A 112 -2.28 -31.22 13.65
CA LYS A 112 -1.72 -31.71 12.39
C LYS A 112 -1.97 -30.72 11.25
N THR A 113 -3.18 -30.16 11.18
CA THR A 113 -3.48 -29.25 10.07
C THR A 113 -2.57 -28.01 10.10
N ILE A 114 -2.14 -27.60 11.29
CA ILE A 114 -1.22 -26.46 11.37
C ILE A 114 0.09 -26.79 10.67
N ILE A 115 0.63 -27.99 10.90
CA ILE A 115 1.91 -28.37 10.31
C ILE A 115 1.78 -28.47 8.79
N TYR A 116 0.75 -29.17 8.32
CA TYR A 116 0.58 -29.36 6.89
C TYR A 116 0.26 -28.03 6.19
N LEU A 117 -0.70 -27.27 6.72
CA LEU A 117 -1.01 -25.99 6.12
C LEU A 117 0.17 -25.04 6.19
N SER A 118 0.88 -25.00 7.32
CA SER A 118 2.07 -24.17 7.40
C SER A 118 3.12 -24.59 6.38
N LEU A 119 3.14 -25.87 6.00
CA LEU A 119 4.09 -26.32 5.00
C LEU A 119 3.79 -25.69 3.64
N VAL A 120 2.54 -25.78 3.20
CA VAL A 120 2.17 -25.13 1.94
C VAL A 120 2.27 -23.62 2.07
N TYR A 121 2.03 -23.10 3.28
CA TYR A 121 2.24 -21.68 3.53
C TYR A 121 3.64 -21.25 3.08
N VAL A 122 4.66 -22.00 3.49
CA VAL A 122 6.02 -21.70 3.07
C VAL A 122 6.15 -21.87 1.56
N LEU A 123 5.59 -22.95 1.03
CA LEU A 123 5.69 -23.22 -0.40
C LEU A 123 5.20 -22.02 -1.21
N GLY A 124 4.08 -21.43 -0.82
CA GLY A 124 3.59 -20.25 -1.51
C GLY A 124 4.55 -19.08 -1.39
N HIS A 125 5.25 -18.97 -0.26
CA HIS A 125 6.15 -17.84 -0.06
C HIS A 125 7.41 -17.97 -0.92
N VAL A 126 8.02 -19.15 -0.93
CA VAL A 126 9.26 -19.32 -1.68
C VAL A 126 9.01 -19.13 -3.17
N ILE A 127 7.92 -19.70 -3.69
CA ILE A 127 7.60 -19.53 -5.10
C ILE A 127 7.30 -18.07 -5.40
N LYS A 128 6.68 -17.36 -4.46
CA LYS A 128 6.42 -15.94 -4.65
C LYS A 128 7.72 -15.17 -4.82
N SER A 129 8.71 -15.47 -3.99
CA SER A 129 9.99 -14.76 -4.08
C SER A 129 10.65 -15.00 -5.44
N LEU A 130 10.52 -16.21 -5.98
CA LEU A 130 11.10 -16.48 -7.30
C LEU A 130 10.45 -15.60 -8.37
N GLY A 131 9.15 -15.34 -8.24
CA GLY A 131 8.46 -14.52 -9.24
C GLY A 131 9.04 -13.12 -9.34
N ALA A 132 9.47 -12.55 -8.22
CA ALA A 132 10.01 -11.20 -8.22
C ALA A 132 11.39 -11.12 -8.84
N LEU A 133 12.03 -12.24 -9.12
CA LEU A 133 13.35 -12.22 -9.75
C LEU A 133 13.23 -11.77 -11.19
N PRO A 134 13.90 -10.69 -11.62
CA PRO A 134 13.80 -10.28 -13.02
C PRO A 134 14.35 -11.30 -14.00
N ILE A 135 15.19 -12.23 -13.55
CA ILE A 135 15.84 -13.16 -14.46
C ILE A 135 14.84 -14.16 -15.04
N LEU A 136 13.68 -14.31 -14.41
CA LEU A 136 12.76 -15.39 -14.74
C LEU A 136 11.95 -15.13 -16.03
N GLY A 137 12.30 -14.12 -16.82
CA GLY A 137 11.74 -13.96 -18.14
C GLY A 137 10.68 -12.89 -18.30
N GLY A 138 10.72 -11.82 -17.53
CA GLY A 138 9.82 -10.71 -17.75
C GLY A 138 8.44 -10.92 -17.15
N GLN A 139 7.54 -9.99 -17.49
CA GLN A 139 6.21 -9.98 -16.90
C GLN A 139 5.41 -11.22 -17.27
N VAL A 140 5.73 -11.86 -18.40
CA VAL A 140 4.95 -13.02 -18.82
C VAL A 140 4.98 -14.10 -17.74
N VAL A 141 6.14 -14.31 -17.12
CA VAL A 141 6.25 -15.30 -16.07
C VAL A 141 5.94 -14.68 -14.72
N HIS A 142 6.38 -13.45 -14.49
CA HIS A 142 6.23 -12.83 -13.18
C HIS A 142 4.76 -12.77 -12.76
N THR A 143 3.89 -12.33 -13.68
CA THR A 143 2.47 -12.24 -13.35
C THR A 143 1.89 -13.61 -13.03
N VAL A 144 2.11 -14.58 -13.94
CA VAL A 144 1.56 -15.92 -13.72
C VAL A 144 2.19 -16.56 -12.49
N LEU A 145 3.52 -16.45 -12.37
CA LEU A 145 4.20 -17.07 -11.25
C LEU A 145 3.84 -16.41 -9.92
N SER A 146 3.73 -15.08 -9.90
CA SER A 146 3.44 -14.40 -8.64
C SER A 146 2.04 -14.74 -8.13
N LEU A 147 1.04 -14.68 -9.01
CA LEU A 147 -0.32 -14.97 -8.58
C LEU A 147 -0.44 -16.37 -8.00
N ILE A 148 0.36 -17.32 -8.48
CA ILE A 148 0.40 -18.64 -7.85
C ILE A 148 0.95 -18.52 -6.44
N GLY A 149 2.00 -17.73 -6.26
CA GLY A 149 2.52 -17.50 -4.92
C GLY A 149 1.49 -16.85 -4.02
N LEU A 150 0.79 -15.84 -4.53
CA LEU A 150 -0.27 -15.19 -3.76
C LEU A 150 -1.39 -16.16 -3.43
N SER A 151 -1.73 -17.04 -4.37
CA SER A 151 -2.81 -17.99 -4.12
C SER A 151 -2.45 -18.94 -2.98
N LEU A 152 -1.22 -19.47 -2.99
CA LEU A 152 -0.83 -20.42 -1.95
C LEU A 152 -0.69 -19.73 -0.60
N ILE A 153 -0.03 -18.57 -0.54
CA ILE A 153 0.14 -17.89 0.73
C ILE A 153 -1.21 -17.54 1.33
N ALA A 154 -2.18 -17.15 0.50
CA ALA A 154 -3.51 -16.84 1.00
C ALA A 154 -4.13 -18.07 1.66
N LEU A 155 -3.98 -19.23 1.04
CA LEU A 155 -4.56 -20.44 1.60
C LEU A 155 -3.96 -20.75 2.96
N GLY A 156 -2.63 -20.63 3.10
CA GLY A 156 -2.00 -20.95 4.36
C GLY A 156 -2.38 -19.98 5.48
N THR A 157 -2.40 -18.68 5.19
CA THR A 157 -2.60 -17.69 6.24
C THR A 157 -3.97 -17.84 6.88
N GLY A 158 -5.03 -17.87 6.07
CA GLY A 158 -6.35 -18.10 6.61
C GLY A 158 -6.64 -19.54 6.95
N GLY A 159 -5.78 -20.46 6.54
CA GLY A 159 -6.00 -21.87 6.88
C GLY A 159 -5.53 -22.19 8.29
N ILE A 160 -4.54 -21.46 8.79
CA ILE A 160 -4.01 -21.73 10.12
C ILE A 160 -4.65 -20.81 11.15
N LYS A 161 -5.05 -19.61 10.74
CA LYS A 161 -5.53 -18.61 11.68
C LYS A 161 -6.65 -19.11 12.58
N PRO A 162 -7.68 -19.80 12.08
CA PRO A 162 -8.73 -20.29 12.98
C PRO A 162 -8.24 -21.34 13.97
N CYS A 163 -7.16 -22.04 13.66
CA CYS A 163 -6.71 -23.14 14.51
C CYS A 163 -5.68 -22.68 15.53
N VAL A 164 -4.67 -21.93 15.09
CA VAL A 164 -3.57 -21.56 15.98
C VAL A 164 -4.09 -20.76 17.17
N ALA A 165 -4.99 -19.80 16.93
CA ALA A 165 -5.48 -18.96 18.02
C ALA A 165 -6.18 -19.80 19.08
N ALA A 166 -7.09 -20.69 18.66
CA ALA A 166 -7.79 -21.53 19.62
C ALA A 166 -6.87 -22.63 20.16
N PHE A 167 -5.84 -23.00 19.40
CA PHE A 167 -4.94 -24.06 19.83
C PHE A 167 -4.28 -23.72 21.15
N GLY A 168 -3.85 -22.46 21.32
CA GLY A 168 -3.23 -22.06 22.57
C GLY A 168 -4.16 -22.21 23.75
N GLY A 169 -5.43 -21.87 23.57
CA GLY A 169 -6.38 -21.98 24.68
C GLY A 169 -6.49 -23.39 25.21
N ASP A 170 -6.49 -24.38 24.31
CA ASP A 170 -6.58 -25.78 24.73
C ASP A 170 -5.35 -26.24 25.48
N GLN A 171 -4.24 -25.50 25.41
CA GLN A 171 -3.02 -25.93 26.08
C GLN A 171 -3.17 -25.95 27.60
N PHE A 172 -4.15 -25.24 28.14
CA PHE A 172 -4.39 -25.27 29.58
C PHE A 172 -5.89 -25.12 29.83
N GLU A 173 -6.36 -25.78 30.88
CA GLU A 173 -7.78 -25.79 31.19
C GLU A 173 -8.29 -24.38 31.47
N GLU A 174 -9.53 -24.13 31.09
CA GLU A 174 -10.13 -22.80 31.22
C GLU A 174 -10.42 -22.40 32.65
N LYS A 175 -10.28 -23.31 33.62
CA LYS A 175 -10.52 -22.95 35.02
C LYS A 175 -9.62 -21.79 35.43
N HIS A 176 -8.46 -21.63 34.79
CA HIS A 176 -7.68 -20.41 34.94
C HIS A 176 -8.21 -19.36 33.97
N ALA A 177 -9.46 -18.94 34.17
CA ALA A 177 -10.12 -18.08 33.21
C ALA A 177 -9.37 -16.77 33.04
N GLU A 178 -8.92 -16.17 34.15
CA GLU A 178 -8.17 -14.93 34.05
C GLU A 178 -6.90 -15.12 33.22
N GLU A 179 -6.20 -16.23 33.45
CA GLU A 179 -5.03 -16.54 32.62
C GLU A 179 -5.45 -16.80 31.17
N ARG A 180 -6.56 -17.50 30.97
CA ARG A 180 -7.08 -17.70 29.62
C ARG A 180 -7.35 -16.36 28.94
N THR A 181 -8.03 -15.46 29.64
CA THR A 181 -8.26 -14.13 29.09
C THR A 181 -6.94 -13.39 28.89
N ARG A 182 -6.02 -13.52 29.84
CA ARG A 182 -4.70 -12.90 29.68
C ARG A 182 -4.02 -13.38 28.41
N TYR A 183 -4.07 -14.69 28.15
CA TYR A 183 -3.42 -15.22 26.96
C TYR A 183 -3.93 -14.56 25.70
N PHE A 184 -5.26 -14.47 25.55
CA PHE A 184 -5.81 -13.80 24.38
C PHE A 184 -5.43 -12.33 24.35
N SER A 185 -5.43 -11.66 25.50
CA SER A 185 -5.05 -10.26 25.55
C SER A 185 -3.61 -10.08 25.06
N VAL A 186 -2.67 -10.84 25.62
CA VAL A 186 -1.29 -10.74 25.19
C VAL A 186 -1.13 -11.27 23.77
N PHE A 187 -1.97 -12.24 23.38
CA PHE A 187 -1.87 -12.78 22.03
C PHE A 187 -2.08 -11.69 20.99
N TYR A 188 -3.06 -10.81 21.20
CA TYR A 188 -3.31 -9.75 20.24
C TYR A 188 -2.17 -8.76 20.18
N LEU A 189 -1.49 -8.51 21.31
CA LEU A 189 -0.30 -7.66 21.28
C LEU A 189 0.80 -8.31 20.45
N SER A 190 0.93 -9.63 20.55
CA SER A 190 1.97 -10.32 19.78
C SER A 190 1.73 -10.18 18.29
N ILE A 191 0.47 -10.25 17.86
CA ILE A 191 0.16 -10.09 16.44
C ILE A 191 0.69 -8.76 15.93
N ASN A 192 0.39 -7.68 16.65
CA ASN A 192 0.89 -6.37 16.24
C ASN A 192 2.41 -6.32 16.31
N ALA A 193 2.99 -6.90 17.37
CA ALA A 193 4.44 -6.86 17.52
C ALA A 193 5.14 -7.37 16.26
N GLY A 194 4.62 -8.46 15.69
CA GLY A 194 5.18 -8.94 14.43
C GLY A 194 4.97 -7.96 13.30
N SER A 195 3.79 -7.36 13.23
CA SER A 195 3.53 -6.39 12.17
C SER A 195 4.46 -5.19 12.29
N LEU A 196 4.69 -4.71 13.51
CA LEU A 196 5.50 -3.51 13.73
C LEU A 196 6.87 -3.64 13.10
N ILE A 197 7.64 -4.63 13.54
CA ILE A 197 8.98 -4.82 13.00
C ILE A 197 8.92 -5.13 11.51
N SER A 198 8.01 -6.02 11.11
CA SER A 198 7.93 -6.43 9.73
C SER A 198 7.56 -5.28 8.81
N THR A 199 6.58 -4.46 9.23
CA THR A 199 6.17 -3.35 8.38
C THR A 199 7.25 -2.30 8.25
N PHE A 200 8.05 -2.09 9.30
CA PHE A 200 9.10 -1.08 9.25
C PHE A 200 10.30 -1.59 8.46
N ILE A 201 10.58 -2.89 8.52
CA ILE A 201 11.80 -3.42 7.95
C ILE A 201 11.64 -3.69 6.47
N THR A 202 10.60 -4.44 6.09
CA THR A 202 10.48 -4.91 4.71
C THR A 202 10.52 -3.79 3.68
N PRO A 203 9.84 -2.66 3.87
CA PRO A 203 9.93 -1.59 2.86
C PRO A 203 11.35 -1.09 2.65
N MET A 204 12.19 -1.12 3.69
CA MET A 204 13.57 -0.67 3.53
C MET A 204 14.30 -1.52 2.50
N LEU A 205 14.11 -2.83 2.55
CA LEU A 205 14.81 -3.73 1.62
C LEU A 205 14.30 -3.57 0.20
N ARG A 206 13.12 -2.97 0.00
CA ARG A 206 12.53 -2.84 -1.32
C ARG A 206 13.22 -1.78 -2.18
N GLY A 207 13.91 -0.83 -1.58
CA GLY A 207 14.55 0.23 -2.34
C GLY A 207 15.99 0.49 -1.91
N ASP A 208 16.44 -0.19 -0.86
CA ASP A 208 17.78 0.06 -0.36
C ASP A 208 18.82 -0.88 -0.96
N VAL A 209 18.50 -2.18 -1.02
CA VAL A 209 19.49 -3.16 -1.48
C VAL A 209 19.78 -3.02 -2.97
N GLN A 210 18.74 -2.91 -3.81
CA GLN A 210 18.91 -2.76 -5.26
C GLN A 210 20.02 -3.65 -5.81
N CYS A 211 20.01 -4.93 -5.45
CA CYS A 211 21.08 -5.83 -5.84
C CYS A 211 21.03 -6.14 -7.34
N PHE A 212 19.95 -6.75 -7.79
CA PHE A 212 19.82 -7.11 -9.20
C PHE A 212 19.12 -6.02 -10.02
N GLY A 213 18.36 -5.15 -9.37
CA GLY A 213 17.69 -4.06 -10.05
C GLY A 213 17.66 -2.86 -9.11
N GLU A 214 17.13 -1.75 -9.62
CA GLU A 214 17.06 -0.55 -8.79
C GLU A 214 16.19 -0.77 -7.56
N ASP A 215 15.29 -1.76 -7.59
CA ASP A 215 14.42 -2.04 -6.46
C ASP A 215 14.73 -3.36 -5.79
N CYS A 216 14.85 -4.45 -6.55
CA CYS A 216 15.15 -5.77 -6.00
C CYS A 216 14.08 -6.20 -4.99
N TYR A 217 12.87 -6.40 -5.50
CA TYR A 217 11.77 -6.86 -4.64
C TYR A 217 12.00 -8.28 -4.13
N ALA A 218 12.83 -9.05 -4.83
CA ALA A 218 13.00 -10.45 -4.46
C ALA A 218 13.44 -10.60 -3.01
N LEU A 219 14.37 -9.76 -2.57
CA LEU A 219 14.83 -9.84 -1.18
C LEU A 219 13.74 -9.41 -0.21
N ALA A 220 12.88 -8.47 -0.63
CA ALA A 220 11.82 -8.00 0.25
C ALA A 220 10.85 -9.12 0.61
N PHE A 221 10.47 -9.95 -0.35
CA PHE A 221 9.62 -11.09 -0.06
C PHE A 221 10.42 -12.24 0.57
N GLY A 222 11.69 -12.37 0.18
CA GLY A 222 12.47 -13.50 0.67
C GLY A 222 12.64 -13.52 2.17
N VAL A 223 12.98 -12.36 2.76
CA VAL A 223 13.22 -12.33 4.20
C VAL A 223 11.99 -12.76 4.99
N PRO A 224 10.79 -12.23 4.74
CA PRO A 224 9.61 -12.82 5.39
C PRO A 224 9.44 -14.29 5.09
N GLY A 225 9.75 -14.71 3.87
CA GLY A 225 9.56 -16.11 3.51
C GLY A 225 10.41 -17.05 4.35
N LEU A 226 11.69 -16.71 4.52
CA LEU A 226 12.56 -17.55 5.34
C LEU A 226 12.16 -17.50 6.80
N LEU A 227 11.67 -16.36 7.27
CA LEU A 227 11.30 -16.24 8.68
C LEU A 227 10.17 -17.19 9.03
N MET A 228 9.19 -17.35 8.14
CA MET A 228 8.10 -18.28 8.41
C MET A 228 8.61 -19.69 8.65
N VAL A 229 9.73 -20.05 8.01
CA VAL A 229 10.33 -21.36 8.28
C VAL A 229 10.72 -21.46 9.75
N ILE A 230 11.31 -20.40 10.30
CA ILE A 230 11.64 -20.38 11.71
C ILE A 230 10.38 -20.51 12.56
N ALA A 231 9.29 -19.89 12.12
CA ALA A 231 8.03 -20.00 12.85
C ALA A 231 7.56 -21.44 12.91
N LEU A 232 7.62 -22.14 11.78
CA LEU A 232 7.20 -23.54 11.75
C LEU A 232 8.06 -24.40 12.67
N VAL A 233 9.38 -24.16 12.64
CA VAL A 233 10.28 -24.95 13.47
C VAL A 233 9.97 -24.74 14.95
N VAL A 234 9.84 -23.47 15.35
CA VAL A 234 9.60 -23.17 16.76
C VAL A 234 8.29 -23.82 17.23
N PHE A 235 7.24 -23.71 16.42
CA PHE A 235 5.97 -24.33 16.78
C PHE A 235 6.10 -25.84 16.87
N ALA A 236 6.87 -26.44 15.97
CA ALA A 236 7.05 -27.89 16.00
C ALA A 236 7.69 -28.34 17.30
N MET A 237 8.58 -27.52 17.87
CA MET A 237 9.22 -27.87 19.14
C MET A 237 8.20 -28.09 20.26
N GLY A 238 7.03 -27.47 20.17
CA GLY A 238 6.02 -27.62 21.20
C GLY A 238 5.19 -28.89 21.07
N SER A 239 5.45 -29.71 20.05
CA SER A 239 4.69 -30.93 19.87
C SER A 239 4.82 -31.85 21.07
N LYS A 240 5.98 -31.85 21.73
CA LYS A 240 6.22 -32.72 22.87
C LYS A 240 5.58 -32.18 24.15
N ILE A 241 5.03 -30.97 24.13
CA ILE A 241 4.59 -30.34 25.36
C ILE A 241 3.16 -30.76 25.74
N TYR A 242 2.24 -30.80 24.78
CA TYR A 242 0.84 -31.00 25.09
C TYR A 242 0.24 -32.06 24.18
N ASN A 243 -0.73 -32.79 24.71
CA ASN A 243 -1.46 -33.82 23.97
C ASN A 243 -2.57 -33.14 23.16
N LYS A 244 -2.35 -33.06 21.87
CA LYS A 244 -3.27 -32.39 20.95
C LYS A 244 -4.65 -33.04 21.00
N PRO A 245 -5.72 -32.27 20.90
CA PRO A 245 -7.06 -32.84 21.01
C PRO A 245 -7.46 -33.57 19.73
N PRO A 246 -8.49 -34.40 19.78
CA PRO A 246 -8.96 -35.07 18.57
C PRO A 246 -9.77 -34.13 17.69
N PRO A 247 -10.06 -34.51 16.45
CA PRO A 247 -10.80 -33.61 15.56
C PRO A 247 -12.22 -33.39 16.05
N GLU A 248 -12.67 -32.14 15.99
CA GLU A 248 -14.03 -31.79 16.41
C GLU A 248 -14.69 -30.74 15.53
N GLY A 249 -14.14 -30.42 14.35
CA GLY A 249 -14.59 -29.27 13.58
C GLY A 249 -15.90 -29.45 12.85
N ASN A 250 -16.74 -30.38 13.28
CA ASN A 250 -18.02 -30.60 12.63
C ASN A 250 -19.10 -29.62 13.09
N ILE A 251 -18.80 -28.74 14.05
CA ILE A 251 -19.82 -27.87 14.61
C ILE A 251 -20.30 -26.88 13.55
N VAL A 252 -19.36 -26.21 12.87
CA VAL A 252 -19.75 -25.19 11.91
C VAL A 252 -20.58 -25.78 10.78
N ALA A 253 -20.16 -26.94 10.26
CA ALA A 253 -20.89 -27.55 9.16
C ALA A 253 -22.30 -27.95 9.59
N GLN A 254 -22.42 -28.50 10.80
CA GLN A 254 -23.73 -28.98 11.25
C GLN A 254 -24.75 -27.85 11.31
N VAL A 255 -24.34 -26.70 11.83
CA VAL A 255 -25.25 -25.57 11.97
C VAL A 255 -25.77 -25.14 10.60
N PHE A 256 -24.87 -25.06 9.61
CA PHE A 256 -25.29 -24.66 8.27
C PHE A 256 -26.32 -25.63 7.71
N LYS A 257 -26.12 -26.93 7.93
CA LYS A 257 -27.06 -27.92 7.43
C LYS A 257 -28.44 -27.72 8.03
N CYS A 258 -28.51 -27.42 9.33
CA CYS A 258 -29.79 -27.19 9.98
C CYS A 258 -30.55 -26.06 9.32
N ILE A 259 -29.86 -24.94 9.04
CA ILE A 259 -30.51 -23.81 8.40
C ILE A 259 -31.00 -24.21 7.00
N TRP A 260 -30.15 -24.89 6.24
CA TRP A 260 -30.54 -25.31 4.90
C TRP A 260 -31.72 -26.29 4.95
N PHE A 261 -31.67 -27.24 5.88
CA PHE A 261 -32.78 -28.17 6.04
C PHE A 261 -34.05 -27.43 6.45
N ALA A 262 -33.93 -26.50 7.38
CA ALA A 262 -35.10 -25.77 7.86
C ALA A 262 -35.69 -24.90 6.77
N ILE A 263 -34.86 -24.08 6.11
CA ILE A 263 -35.36 -23.12 5.14
C ILE A 263 -35.99 -23.84 3.95
N SER A 264 -35.35 -24.90 3.48
CA SER A 264 -35.86 -25.59 2.30
C SER A 264 -37.25 -26.17 2.55
N ASN A 265 -37.46 -26.79 3.72
CA ASN A 265 -38.75 -27.39 4.01
C ASN A 265 -39.84 -26.33 4.04
N ARG A 266 -39.58 -25.20 4.70
CA ARG A 266 -40.56 -24.11 4.72
C ARG A 266 -40.82 -23.59 3.31
N PHE A 267 -39.77 -23.42 2.52
CA PHE A 267 -39.95 -22.87 1.18
C PHE A 267 -40.76 -23.81 0.29
N LYS A 268 -40.48 -25.11 0.35
CA LYS A 268 -41.14 -26.04 -0.56
C LYS A 268 -42.58 -26.31 -0.15
N ASN A 269 -42.85 -26.46 1.16
CA ASN A 269 -44.18 -26.85 1.60
C ASN A 269 -45.22 -25.79 1.26
N ARG A 270 -44.97 -24.54 1.65
CA ARG A 270 -45.90 -23.44 1.37
C ARG A 270 -47.32 -23.79 1.82
N SER A 271 -47.44 -24.31 3.04
CA SER A 271 -48.75 -24.71 3.53
C SER A 271 -49.71 -23.54 3.62
N GLY A 272 -49.24 -22.39 4.08
CA GLY A 272 -50.06 -21.19 4.15
C GLY A 272 -50.81 -21.05 5.46
N ASP A 273 -51.11 -22.17 6.11
CA ASP A 273 -51.79 -22.18 7.39
C ASP A 273 -50.83 -22.23 8.57
N ILE A 274 -49.54 -22.10 8.33
CA ILE A 274 -48.54 -22.29 9.39
C ILE A 274 -48.70 -21.20 10.45
N PRO A 275 -48.83 -21.54 11.73
CA PRO A 275 -48.78 -20.53 12.80
C PRO A 275 -47.36 -20.07 13.07
N LYS A 276 -47.13 -19.41 14.21
CA LYS A 276 -45.79 -18.98 14.60
C LYS A 276 -44.74 -20.06 14.32
N ARG A 277 -45.15 -21.32 14.20
CA ARG A 277 -44.30 -22.37 13.64
C ARG A 277 -43.68 -21.94 12.30
N GLN A 278 -44.20 -20.89 11.66
CA GLN A 278 -43.53 -20.32 10.49
C GLN A 278 -42.05 -20.12 10.74
N HIS A 279 -41.64 -19.92 11.98
CA HIS A 279 -40.23 -19.79 12.31
C HIS A 279 -39.47 -20.95 11.70
N TRP A 280 -38.45 -20.63 10.88
CA TRP A 280 -37.80 -21.66 10.09
C TRP A 280 -37.17 -22.74 10.97
N LEU A 281 -36.50 -22.34 12.05
CA LEU A 281 -35.83 -23.32 12.89
C LEU A 281 -36.80 -24.35 13.45
N ASP A 282 -38.08 -23.98 13.60
CA ASP A 282 -39.07 -24.95 14.05
C ASP A 282 -39.24 -26.07 13.05
N TRP A 283 -39.06 -25.78 11.75
CA TRP A 283 -39.16 -26.83 10.75
C TRP A 283 -38.07 -27.88 10.94
N ALA A 284 -36.83 -27.46 11.23
CA ALA A 284 -35.78 -28.43 11.47
C ALA A 284 -35.99 -29.20 12.77
N ALA A 285 -36.83 -28.67 13.67
CA ALA A 285 -37.12 -29.39 14.91
C ALA A 285 -37.73 -30.75 14.61
N GLU A 286 -38.33 -30.92 13.43
CA GLU A 286 -38.88 -32.21 13.04
C GLU A 286 -37.80 -33.28 13.02
N LYS A 287 -36.58 -32.93 12.62
CA LYS A 287 -35.49 -33.88 12.44
C LYS A 287 -34.41 -33.71 13.50
N TYR A 288 -33.86 -32.51 13.65
CA TYR A 288 -32.77 -32.31 14.59
C TYR A 288 -33.28 -32.27 16.02
N PRO A 289 -32.43 -32.58 17.00
CA PRO A 289 -32.87 -32.56 18.40
C PRO A 289 -33.21 -31.15 18.86
N LYS A 290 -34.09 -31.10 19.87
CA LYS A 290 -34.55 -29.81 20.38
C LYS A 290 -33.40 -28.97 20.91
N GLN A 291 -32.46 -29.60 21.62
CA GLN A 291 -31.35 -28.86 22.20
C GLN A 291 -30.54 -28.15 21.12
N LEU A 292 -30.25 -28.85 20.02
CA LEU A 292 -29.53 -28.23 18.92
C LEU A 292 -30.31 -27.07 18.34
N ILE A 293 -31.63 -27.23 18.18
CA ILE A 293 -32.46 -26.14 17.67
C ILE A 293 -32.43 -24.96 18.62
N MET A 294 -32.53 -25.23 19.92
CA MET A 294 -32.54 -24.15 20.91
C MET A 294 -31.24 -23.36 20.85
N ASP A 295 -30.10 -24.06 20.74
CA ASP A 295 -28.82 -23.36 20.67
C ASP A 295 -28.74 -22.48 19.43
N VAL A 296 -29.20 -22.98 18.28
CA VAL A 296 -29.14 -22.19 17.05
C VAL A 296 -30.02 -20.96 17.15
N LYS A 297 -31.17 -21.08 17.81
CA LYS A 297 -32.05 -19.91 17.98
C LYS A 297 -31.31 -18.79 18.71
N ALA A 298 -30.64 -19.12 19.81
CA ALA A 298 -29.86 -18.12 20.52
C ALA A 298 -28.70 -17.62 19.66
N LEU A 299 -28.03 -18.54 18.95
CA LEU A 299 -26.92 -18.14 18.10
C LEU A 299 -27.38 -17.22 16.98
N THR A 300 -28.54 -17.51 16.38
CA THR A 300 -29.00 -16.72 15.25
C THR A 300 -29.26 -15.27 15.66
N ARG A 301 -29.75 -15.05 16.88
CA ARG A 301 -30.03 -13.68 17.32
C ARG A 301 -28.77 -12.82 17.29
N VAL A 302 -27.68 -13.33 17.85
CA VAL A 302 -26.45 -12.56 17.89
C VAL A 302 -25.86 -12.41 16.50
N LEU A 303 -25.98 -13.45 15.67
CA LEU A 303 -25.38 -13.41 14.35
C LEU A 303 -25.96 -12.29 13.49
N PHE A 304 -27.15 -11.81 13.82
CA PHE A 304 -27.73 -10.68 13.10
C PHE A 304 -26.82 -9.46 13.19
N LEU A 305 -26.18 -9.25 14.34
CA LEU A 305 -25.33 -8.08 14.52
C LEU A 305 -24.15 -8.08 13.56
N TYR A 306 -23.80 -9.22 12.98
CA TYR A 306 -22.65 -9.29 12.09
C TYR A 306 -22.98 -8.84 10.66
N ILE A 307 -24.26 -8.67 10.34
CA ILE A 307 -24.62 -8.31 8.96
C ILE A 307 -24.07 -6.94 8.58
N PRO A 308 -24.18 -5.89 9.40
CA PRO A 308 -23.69 -4.57 8.96
C PRO A 308 -22.19 -4.38 9.15
N LEU A 309 -21.49 -5.34 9.76
CA LEU A 309 -20.07 -5.18 10.06
C LEU A 309 -19.19 -5.02 8.83
N PRO A 310 -19.35 -5.82 7.77
CA PRO A 310 -18.28 -5.87 6.75
C PRO A 310 -17.95 -4.52 6.16
N MET A 311 -18.90 -3.58 6.11
CA MET A 311 -18.60 -2.27 5.59
C MET A 311 -17.49 -1.58 6.39
N PHE A 312 -17.38 -1.88 7.68
CA PHE A 312 -16.31 -1.26 8.47
C PHE A 312 -14.94 -1.78 8.08
N TRP A 313 -14.82 -3.11 7.92
CA TRP A 313 -13.53 -3.68 7.55
C TRP A 313 -13.07 -3.17 6.19
N ALA A 314 -13.99 -2.70 5.36
CA ALA A 314 -13.60 -2.10 4.09
C ALA A 314 -12.74 -0.86 4.31
N LEU A 315 -12.80 -0.27 5.50
CA LEU A 315 -11.99 0.92 5.79
C LEU A 315 -10.62 0.53 6.31
N LEU A 316 -10.56 -0.30 7.35
CA LEU A 316 -9.28 -0.66 7.94
C LEU A 316 -8.38 -1.37 6.93
N ASP A 317 -8.95 -2.30 6.16
CA ASP A 317 -8.15 -3.00 5.17
C ASP A 317 -7.71 -2.11 4.03
N GLN A 318 -8.25 -0.89 3.91
CA GLN A 318 -7.85 0.00 2.83
C GLN A 318 -6.53 0.70 3.13
N GLN A 319 -6.00 0.58 4.34
CA GLN A 319 -4.76 1.24 4.72
C GLN A 319 -3.65 0.96 3.71
N GLY A 320 -3.30 -0.31 3.53
CA GLY A 320 -2.16 -0.65 2.71
C GLY A 320 -2.41 -0.56 1.22
N SER A 321 -3.67 -0.45 0.80
CA SER A 321 -4.00 -0.53 -0.62
C SER A 321 -4.20 0.84 -1.26
N ARG A 322 -4.86 1.77 -0.58
CA ARG A 322 -5.17 3.06 -1.19
C ARG A 322 -4.52 4.24 -0.49
N TRP A 323 -4.20 4.17 0.80
CA TRP A 323 -3.51 5.27 1.45
C TRP A 323 -2.03 5.28 1.07
N THR A 324 -1.42 4.12 0.86
CA THR A 324 -0.05 4.09 0.37
C THR A 324 0.04 4.67 -1.04
N LEU A 325 -0.96 4.40 -1.88
CA LEU A 325 -1.03 5.06 -3.18
C LEU A 325 -1.14 6.57 -3.02
N GLN A 326 -1.63 7.03 -1.87
CA GLN A 326 -1.68 8.47 -1.62
C GLN A 326 -0.33 8.97 -1.11
N ALA A 327 0.30 8.22 -0.22
CA ALA A 327 1.57 8.66 0.34
C ALA A 327 2.63 8.85 -0.74
N ILE A 328 2.47 8.18 -1.88
CA ILE A 328 3.43 8.35 -2.97
C ILE A 328 3.47 9.78 -3.45
N ARG A 329 2.31 10.43 -3.55
CA ARG A 329 2.22 11.78 -4.07
C ARG A 329 2.65 12.84 -3.07
N MET A 330 2.82 12.47 -1.80
CA MET A 330 3.24 13.42 -0.77
C MET A 330 4.75 13.40 -0.62
N ASN A 331 5.30 14.53 -0.16
CA ASN A 331 6.74 14.65 0.01
C ASN A 331 7.20 13.76 1.16
N ARG A 332 8.23 12.96 0.90
CA ARG A 332 8.71 12.00 1.88
C ARG A 332 9.87 12.54 2.71
N ASN A 333 10.51 13.62 2.26
CA ASN A 333 11.67 14.15 2.99
C ASN A 333 11.25 14.65 4.36
N LEU A 334 12.13 14.48 5.34
CA LEU A 334 11.88 14.91 6.70
C LEU A 334 13.22 15.18 7.38
N GLY A 335 13.15 15.90 8.51
CA GLY A 335 14.35 16.07 9.31
C GLY A 335 14.93 14.74 9.78
N PHE A 336 14.06 13.80 10.12
CA PHE A 336 14.49 12.45 10.47
C PHE A 336 14.81 11.68 9.19
N PHE A 337 15.05 10.38 9.32
CA PHE A 337 15.33 9.55 8.16
C PHE A 337 14.18 9.63 7.16
N VAL A 338 14.54 9.73 5.88
CA VAL A 338 13.54 9.86 4.82
C VAL A 338 12.72 8.56 4.76
N LEU A 339 11.41 8.68 4.86
CA LEU A 339 10.56 7.50 4.93
C LEU A 339 10.18 7.01 3.55
N GLN A 340 10.16 5.69 3.39
CA GLN A 340 9.64 5.12 2.16
C GLN A 340 8.13 5.28 2.09
N PRO A 341 7.54 5.23 0.90
CA PRO A 341 6.08 5.47 0.80
C PRO A 341 5.25 4.54 1.65
N ASP A 342 5.38 3.22 1.43
CA ASP A 342 4.54 2.28 2.16
C ASP A 342 5.04 2.06 3.59
N GLN A 343 6.25 2.51 3.90
CA GLN A 343 6.78 2.34 5.24
C GLN A 343 5.99 3.14 6.27
N MET A 344 5.14 4.07 5.82
CA MET A 344 4.32 4.84 6.74
C MET A 344 3.32 3.97 7.48
N GLN A 345 3.03 2.77 6.99
CA GLN A 345 2.04 1.91 7.64
C GLN A 345 2.47 1.52 9.04
N VAL A 346 3.75 1.69 9.39
CA VAL A 346 4.21 1.28 10.72
C VAL A 346 3.41 1.97 11.81
N LEU A 347 2.80 3.12 11.51
CA LEU A 347 2.06 3.84 12.53
C LEU A 347 0.89 3.03 13.06
N ASN A 348 0.16 2.35 12.17
CA ASN A 348 -1.04 1.64 12.61
C ASN A 348 -0.72 0.54 13.61
N PRO A 349 0.21 -0.38 13.35
CA PRO A 349 0.58 -1.33 14.41
C PRO A 349 1.16 -0.64 15.64
N LEU A 350 1.93 0.44 15.43
CA LEU A 350 2.54 1.13 16.55
C LEU A 350 1.49 1.76 17.46
N LEU A 351 0.48 2.41 16.87
CA LEU A 351 -0.54 3.07 17.68
C LEU A 351 -1.38 2.07 18.45
N VAL A 352 -1.56 0.86 17.92
CA VAL A 352 -2.31 -0.16 18.64
C VAL A 352 -1.57 -0.56 19.91
N LEU A 353 -0.23 -0.59 19.86
CA LEU A 353 0.56 -1.02 21.01
C LEU A 353 0.54 -0.01 22.15
N ILE A 354 0.18 1.24 21.89
CA ILE A 354 0.18 2.25 22.95
C ILE A 354 -1.25 2.58 23.35
N PHE A 355 -2.20 2.43 22.40
CA PHE A 355 -3.60 2.58 22.76
C PHE A 355 -4.06 1.46 23.68
N ILE A 356 -3.50 0.27 23.51
CA ILE A 356 -3.62 -0.80 24.51
C ILE A 356 -2.37 -0.74 25.38
N PRO A 357 -2.50 -0.71 26.72
CA PRO A 357 -3.70 -0.74 27.55
C PRO A 357 -4.26 0.65 27.85
N LEU A 358 -3.83 1.67 27.10
CA LEU A 358 -4.25 3.04 27.38
C LEU A 358 -5.78 3.13 27.46
N PHE A 359 -6.48 2.51 26.51
CA PHE A 359 -7.94 2.54 26.56
C PHE A 359 -8.47 1.82 27.79
N ASP A 360 -7.92 0.65 28.10
CA ASP A 360 -8.41 -0.11 29.24
C ASP A 360 -8.07 0.57 30.56
N PHE A 361 -6.85 1.08 30.69
CA PHE A 361 -6.41 1.63 31.96
C PHE A 361 -6.98 3.02 32.25
N VAL A 362 -7.14 3.86 31.22
CA VAL A 362 -7.45 5.26 31.44
C VAL A 362 -8.84 5.60 30.91
N ILE A 363 -9.02 5.46 29.59
CA ILE A 363 -10.24 5.96 28.96
C ILE A 363 -11.46 5.25 29.52
N TYR A 364 -11.41 3.92 29.60
CA TYR A 364 -12.56 3.16 30.09
C TYR A 364 -12.86 3.47 31.54
N ARG A 365 -11.82 3.72 32.35
CA ARG A 365 -12.06 4.11 33.74
C ARG A 365 -12.80 5.45 33.80
N LEU A 366 -12.39 6.41 32.97
CA LEU A 366 -13.01 7.74 33.00
C LEU A 366 -14.47 7.66 32.56
N VAL A 367 -14.73 7.02 31.42
CA VAL A 367 -16.10 6.96 30.92
C VAL A 367 -16.99 6.20 31.89
N SER A 368 -16.50 5.08 32.43
CA SER A 368 -17.28 4.34 33.42
C SER A 368 -17.57 5.19 34.64
N LYS A 369 -16.61 6.05 35.04
CA LYS A 369 -16.86 6.96 36.15
C LYS A 369 -18.00 7.92 35.84
N CYS A 370 -18.03 8.46 34.62
CA CYS A 370 -19.12 9.33 34.22
C CYS A 370 -20.37 8.54 33.87
N GLY A 371 -20.22 7.36 33.29
CA GLY A 371 -21.35 6.54 32.92
C GLY A 371 -20.94 5.13 32.54
N ILE A 372 -21.60 4.13 33.12
CA ILE A 372 -21.22 2.74 32.92
C ILE A 372 -21.89 2.10 31.71
N ASN A 373 -22.90 2.76 31.13
CA ASN A 373 -23.60 2.17 30.00
C ASN A 373 -22.71 2.00 28.78
N PHE A 374 -21.58 2.70 28.72
CA PHE A 374 -20.70 2.64 27.55
C PHE A 374 -19.82 1.39 27.54
N SER A 375 -19.68 0.69 28.66
CA SER A 375 -18.86 -0.52 28.70
C SER A 375 -19.65 -1.69 28.14
N SER A 376 -20.11 -1.58 26.90
CA SER A 376 -21.00 -2.56 26.31
C SER A 376 -20.76 -2.59 24.80
N LEU A 377 -21.73 -3.12 24.06
CA LEU A 377 -21.62 -3.17 22.61
C LEU A 377 -21.46 -1.78 22.00
N ARG A 378 -21.85 -0.74 22.74
CA ARG A 378 -21.77 0.62 22.21
C ARG A 378 -20.35 0.97 21.78
N LYS A 379 -19.34 0.32 22.37
CA LYS A 379 -17.97 0.56 21.94
C LYS A 379 -17.82 0.37 20.44
N MET A 380 -18.33 -0.75 19.91
CA MET A 380 -18.22 -1.01 18.48
C MET A 380 -18.92 0.07 17.68
N ALA A 381 -20.03 0.60 18.19
CA ALA A 381 -20.75 1.66 17.47
C ALA A 381 -19.88 2.89 17.30
N VAL A 382 -19.16 3.29 18.36
CA VAL A 382 -18.24 4.41 18.24
C VAL A 382 -17.08 4.05 17.32
N GLY A 383 -16.64 2.80 17.33
CA GLY A 383 -15.54 2.41 16.46
C GLY A 383 -15.83 2.67 15.00
N MET A 384 -17.06 2.42 14.57
CA MET A 384 -17.45 2.73 13.21
C MET A 384 -17.44 4.24 12.95
N ILE A 385 -17.71 5.02 13.99
CA ILE A 385 -17.74 6.48 13.82
C ILE A 385 -16.34 7.01 13.52
N LEU A 386 -15.34 6.59 14.30
CA LEU A 386 -14.00 7.13 14.12
C LEU A 386 -13.45 6.79 12.74
N ALA A 387 -13.57 5.52 12.33
CA ALA A 387 -13.10 5.14 11.00
C ALA A 387 -13.81 5.95 9.93
N CYS A 388 -15.14 6.09 10.04
CA CYS A 388 -15.86 6.97 9.15
C CYS A 388 -15.32 8.39 9.22
N LEU A 389 -14.97 8.83 10.43
CA LEU A 389 -14.39 10.17 10.59
C LEU A 389 -12.97 10.22 10.06
N ALA A 390 -12.23 9.11 10.17
CA ALA A 390 -10.86 9.08 9.70
C ALA A 390 -10.78 9.32 8.19
N PHE A 391 -11.65 8.65 7.43
CA PHE A 391 -11.66 8.85 5.99
C PHE A 391 -12.04 10.28 5.63
N ALA A 392 -12.99 10.87 6.35
CA ALA A 392 -13.34 12.26 6.11
C ALA A 392 -12.10 13.14 6.12
N VAL A 393 -11.17 12.89 7.05
CA VAL A 393 -9.91 13.61 7.05
C VAL A 393 -9.11 13.28 5.79
N ALA A 394 -9.11 12.01 5.39
CA ALA A 394 -8.38 11.62 4.19
C ALA A 394 -8.88 12.37 2.97
N ALA A 395 -10.19 12.64 2.91
CA ALA A 395 -10.71 13.47 1.83
C ALA A 395 -10.14 14.87 1.90
N ALA A 396 -10.07 15.45 3.09
CA ALA A 396 -9.49 16.78 3.24
C ALA A 396 -8.03 16.78 2.84
N VAL A 397 -7.27 15.79 3.30
CA VAL A 397 -5.86 15.70 2.92
C VAL A 397 -5.73 15.53 1.41
N GLU A 398 -6.55 14.65 0.83
CA GLU A 398 -6.46 14.40 -0.61
C GLU A 398 -6.72 15.66 -1.41
N ILE A 399 -7.67 16.49 -0.96
CA ILE A 399 -7.99 17.72 -1.69
C ILE A 399 -6.76 18.62 -1.77
N LYS A 400 -6.04 18.77 -0.65
CA LYS A 400 -4.89 19.66 -0.64
C LYS A 400 -3.82 19.20 -1.61
N ILE A 401 -3.70 17.88 -1.82
CA ILE A 401 -2.70 17.39 -2.76
C ILE A 401 -2.96 17.94 -4.15
N ASN A 402 -4.22 17.91 -4.59
CA ASN A 402 -4.57 18.44 -5.91
C ASN A 402 -4.31 19.94 -5.98
N GLU A 403 -4.67 20.67 -4.92
CA GLU A 403 -4.46 22.11 -4.92
C GLU A 403 -2.98 22.45 -5.04
N MET A 404 -2.12 21.73 -4.32
CA MET A 404 -0.69 21.95 -4.40
C MET A 404 -0.03 21.24 -5.57
N ALA A 405 -0.80 20.48 -6.35
CA ALA A 405 -0.22 19.76 -7.48
C ALA A 405 0.27 20.77 -8.53
N PRO A 406 1.47 20.59 -9.06
CA PRO A 406 1.97 21.52 -10.08
C PRO A 406 1.21 21.37 -11.40
N ALA A 407 1.31 22.40 -12.22
CA ALA A 407 0.65 22.40 -13.52
C ALA A 407 1.18 21.25 -14.37
N GLN A 408 0.30 20.67 -15.17
CA GLN A 408 0.64 19.54 -16.02
C GLN A 408 0.15 19.79 -17.44
N PRO A 409 0.83 19.24 -18.44
CA PRO A 409 0.31 19.32 -19.82
C PRO A 409 -0.90 18.40 -19.98
N GLY A 410 -1.44 18.39 -21.19
CA GLY A 410 -2.61 17.61 -21.49
C GLY A 410 -2.82 17.39 -22.97
N PRO A 411 -3.97 16.82 -23.34
CA PRO A 411 -4.24 16.55 -24.76
C PRO A 411 -4.08 17.80 -25.60
N GLN A 412 -3.23 17.70 -26.62
CA GLN A 412 -2.92 18.84 -27.49
C GLN A 412 -2.43 20.04 -26.68
N GLU A 413 -1.85 19.76 -25.52
CA GLU A 413 -1.28 20.78 -24.64
C GLU A 413 0.12 20.36 -24.23
N VAL A 414 1.08 21.26 -24.43
CA VAL A 414 2.49 20.94 -24.22
C VAL A 414 3.12 22.05 -23.40
N PHE A 415 4.02 21.66 -22.50
CA PHE A 415 4.80 22.57 -21.67
C PHE A 415 6.17 22.74 -22.29
N LEU A 416 6.56 23.99 -22.54
CA LEU A 416 7.80 24.31 -23.24
C LEU A 416 8.64 25.24 -22.39
N GLN A 417 9.90 24.88 -22.17
CA GLN A 417 10.89 25.77 -21.59
C GLN A 417 11.95 26.11 -22.64
N VAL A 418 12.64 27.23 -22.43
CA VAL A 418 13.67 27.70 -23.33
C VAL A 418 14.91 28.05 -22.53
N LEU A 419 16.05 27.55 -22.98
CA LEU A 419 17.35 27.84 -22.38
C LEU A 419 18.26 28.44 -23.43
N ASN A 420 18.97 29.50 -23.06
CA ASN A 420 19.85 30.22 -23.97
C ASN A 420 21.29 30.00 -23.55
N LEU A 421 22.10 29.46 -24.46
CA LEU A 421 23.52 29.28 -24.26
C LEU A 421 24.36 30.27 -25.06
N ALA A 422 23.71 31.19 -25.79
CA ALA A 422 24.45 32.15 -26.58
C ALA A 422 25.15 33.17 -25.68
N ASP A 423 26.22 33.76 -26.22
CA ASP A 423 27.02 34.72 -25.47
C ASP A 423 26.27 36.02 -25.19
N ASP A 424 25.17 36.28 -25.90
CA ASP A 424 24.40 37.51 -25.70
C ASP A 424 22.92 37.15 -25.74
N GLU A 425 22.09 38.12 -25.34
CA GLU A 425 20.65 37.89 -25.27
C GLU A 425 20.09 37.53 -26.64
N VAL A 426 19.15 36.58 -26.66
CA VAL A 426 18.49 36.14 -27.88
C VAL A 426 16.99 36.36 -27.69
N LYS A 427 16.37 37.03 -28.66
CA LYS A 427 14.92 37.23 -28.64
C LYS A 427 14.26 36.12 -29.45
N VAL A 428 13.25 35.50 -28.84
CA VAL A 428 12.62 34.31 -29.39
C VAL A 428 11.13 34.57 -29.56
N THR A 429 10.60 34.22 -30.73
CA THR A 429 9.17 34.28 -31.00
C THR A 429 8.71 32.93 -31.50
N VAL A 430 7.73 32.34 -30.83
CA VAL A 430 7.20 31.04 -31.21
C VAL A 430 6.13 31.23 -32.26
N VAL A 431 6.53 31.24 -33.53
CA VAL A 431 5.59 31.42 -34.63
C VAL A 431 4.93 30.07 -34.93
N GLY A 432 3.61 30.01 -34.74
CA GLY A 432 2.88 28.79 -34.99
C GLY A 432 2.59 28.59 -36.46
N ASN A 433 1.86 27.51 -36.75
CA ASN A 433 1.48 27.21 -38.12
C ASN A 433 0.56 28.26 -38.72
N GLU A 434 -0.06 29.10 -37.89
CA GLU A 434 -0.89 30.20 -38.37
C GLU A 434 -0.09 31.45 -38.68
N ASN A 435 1.23 31.43 -38.50
CA ASN A 435 2.11 32.58 -38.66
C ASN A 435 1.94 33.60 -37.55
N ASN A 436 1.13 33.29 -36.53
CA ASN A 436 0.95 34.19 -35.41
C ASN A 436 1.92 33.84 -34.29
N SER A 437 2.31 34.86 -33.53
CA SER A 437 3.24 34.68 -32.42
C SER A 437 2.51 34.00 -31.26
N LEU A 438 2.63 32.67 -31.19
CA LEU A 438 2.00 31.95 -30.08
C LEU A 438 2.60 32.37 -28.75
N LEU A 439 3.92 32.55 -28.70
CA LEU A 439 4.59 33.02 -27.50
C LEU A 439 5.82 33.82 -27.90
N ILE A 440 6.15 34.82 -27.09
CA ILE A 440 7.29 35.68 -27.31
C ILE A 440 8.10 35.75 -26.03
N GLU A 441 9.42 35.55 -26.15
CA GLU A 441 10.30 35.56 -25.00
C GLU A 441 11.66 36.11 -25.41
N SER A 442 12.34 36.71 -24.43
CA SER A 442 13.71 37.17 -24.61
C SER A 442 14.54 36.65 -23.44
N ILE A 443 15.66 36.01 -23.76
CA ILE A 443 16.48 35.32 -22.77
C ILE A 443 17.91 35.84 -22.90
N LYS A 444 18.47 36.32 -21.80
CA LYS A 444 19.85 36.78 -21.80
C LYS A 444 20.80 35.59 -21.89
N SER A 445 22.09 35.91 -22.03
CA SER A 445 23.11 34.88 -22.16
C SER A 445 23.10 33.97 -20.94
N PHE A 446 23.12 32.65 -21.20
CA PHE A 446 23.16 31.66 -20.14
C PHE A 446 22.07 31.89 -19.10
N GLN A 447 20.84 31.99 -19.59
CA GLN A 447 19.67 32.11 -18.73
C GLN A 447 18.53 31.30 -19.34
N LYS A 448 17.49 31.09 -18.54
CA LYS A 448 16.35 30.27 -18.95
C LYS A 448 15.06 30.95 -18.52
N THR A 449 13.98 30.58 -19.20
CA THR A 449 12.67 31.09 -18.84
C THR A 449 12.30 30.61 -17.43
N PRO A 450 11.69 31.46 -16.60
CA PRO A 450 11.39 31.04 -15.22
C PRO A 450 10.43 29.86 -15.12
N HIS A 451 9.57 29.65 -16.12
CA HIS A 451 8.56 28.60 -16.07
C HIS A 451 8.40 27.97 -17.44
N TYR A 452 7.88 26.75 -17.44
CA TYR A 452 7.54 26.04 -18.67
C TYR A 452 6.29 26.66 -19.25
N SER A 453 6.46 27.61 -20.17
CA SER A 453 5.30 28.25 -20.79
C SER A 453 4.45 27.21 -21.51
N LYS A 454 3.17 27.20 -21.19
CA LYS A 454 2.25 26.24 -21.80
C LYS A 454 1.93 26.65 -23.24
N LEU A 455 1.74 25.64 -24.09
CA LEU A 455 1.36 25.84 -25.48
C LEU A 455 0.24 24.88 -25.84
N HIS A 456 -0.64 25.34 -26.72
CA HIS A 456 -1.80 24.57 -27.16
C HIS A 456 -1.59 24.12 -28.60
N LEU A 457 -1.77 22.82 -28.83
CA LEU A 457 -1.59 22.24 -30.16
C LEU A 457 -2.93 22.05 -30.84
N LYS A 458 -2.89 22.01 -32.18
CA LYS A 458 -4.05 21.63 -32.98
C LYS A 458 -4.12 20.14 -33.25
N THR A 459 -3.08 19.39 -32.90
CA THR A 459 -3.05 17.94 -33.11
C THR A 459 -2.19 17.31 -32.03
N LYS A 460 -2.18 15.98 -32.02
CA LYS A 460 -1.35 15.26 -31.05
C LYS A 460 0.12 15.60 -31.22
N SER A 461 0.57 15.80 -32.46
CA SER A 461 1.92 16.25 -32.75
C SER A 461 1.86 17.40 -33.74
N GLN A 462 2.77 18.35 -33.58
CA GLN A 462 2.75 19.56 -34.39
C GLN A 462 4.15 20.17 -34.41
N ASP A 463 4.36 21.08 -35.36
CA ASP A 463 5.62 21.80 -35.50
C ASP A 463 5.33 23.31 -35.47
N PHE A 464 6.22 24.05 -34.82
CA PHE A 464 6.12 25.50 -34.73
C PHE A 464 7.45 26.13 -35.13
N HIS A 465 7.36 27.28 -35.80
CA HIS A 465 8.55 28.00 -36.26
C HIS A 465 9.00 28.94 -35.15
N PHE A 466 10.02 28.51 -34.40
CA PHE A 466 10.56 29.32 -33.33
C PHE A 466 11.53 30.37 -33.87
N HIS A 467 11.01 31.55 -34.18
CA HIS A 467 11.87 32.61 -34.71
C HIS A 467 12.86 33.05 -33.65
N LEU A 468 14.12 33.22 -34.06
CA LEU A 468 15.19 33.63 -33.17
C LEU A 468 15.84 34.90 -33.71
N LYS A 469 16.28 35.77 -32.80
CA LYS A 469 17.03 36.96 -33.15
C LYS A 469 18.24 37.06 -32.23
N TYR A 470 19.40 37.34 -32.82
CA TYR A 470 20.65 37.39 -32.07
C TYR A 470 21.51 38.51 -32.65
N HIS A 471 21.75 39.55 -31.85
CA HIS A 471 22.41 40.75 -32.35
C HIS A 471 21.66 41.25 -33.58
N ASN A 472 22.35 41.36 -34.72
CA ASN A 472 21.70 41.69 -35.98
C ASN A 472 21.20 40.46 -36.72
N LEU A 473 21.47 39.27 -36.21
CA LEU A 473 21.08 38.03 -36.89
C LEU A 473 19.67 37.63 -36.50
N SER A 474 19.01 36.90 -37.41
CA SER A 474 17.70 36.35 -37.15
C SER A 474 17.57 35.04 -37.92
N LEU A 475 16.70 34.16 -37.44
CA LEU A 475 16.54 32.84 -38.05
C LEU A 475 15.24 32.21 -37.57
N TYR A 476 14.53 31.55 -38.48
CA TYR A 476 13.35 30.78 -38.13
C TYR A 476 13.76 29.33 -37.91
N THR A 477 13.55 28.82 -36.69
CA THR A 477 13.87 27.45 -36.33
C THR A 477 12.59 26.71 -36.00
N GLU A 478 12.38 25.56 -36.62
CA GLU A 478 11.18 24.77 -36.45
C GLU A 478 11.53 23.44 -35.81
N HIS A 479 10.77 23.05 -34.78
CA HIS A 479 10.96 21.78 -34.10
C HIS A 479 9.61 21.16 -33.81
N SER A 480 9.58 19.83 -33.73
CA SER A 480 8.35 19.11 -33.45
C SER A 480 8.07 19.07 -31.96
N VAL A 481 6.78 19.06 -31.62
CA VAL A 481 6.34 18.98 -30.23
C VAL A 481 5.22 17.95 -30.13
N GLN A 482 4.99 17.48 -28.91
CA GLN A 482 3.95 16.49 -28.65
C GLN A 482 3.20 16.88 -27.38
N GLU A 483 1.98 16.38 -27.27
CA GLU A 483 1.14 16.68 -26.11
C GLU A 483 1.61 15.92 -24.87
N LYS A 484 1.16 16.39 -23.72
CA LYS A 484 1.32 15.69 -22.45
C LYS A 484 2.80 15.51 -22.07
N ASN A 485 3.68 16.36 -22.56
CA ASN A 485 5.11 16.25 -22.26
C ASN A 485 5.71 17.64 -22.10
N TRP A 486 6.80 17.70 -21.35
CA TRP A 486 7.59 18.91 -21.20
C TRP A 486 8.66 18.95 -22.29
N TYR A 487 9.06 20.18 -22.64
CA TYR A 487 10.05 20.38 -23.69
C TYR A 487 10.96 21.54 -23.30
N SER A 488 12.24 21.39 -23.61
CA SER A 488 13.25 22.41 -23.33
C SER A 488 14.00 22.71 -24.61
N LEU A 489 13.81 23.92 -25.14
CA LEU A 489 14.50 24.34 -26.36
C LEU A 489 15.84 24.95 -25.98
N VAL A 490 16.92 24.25 -26.31
CA VAL A 490 18.27 24.67 -25.96
C VAL A 490 18.81 25.47 -27.14
N ILE A 491 18.84 26.79 -26.99
CA ILE A 491 19.46 27.64 -28.01
C ILE A 491 20.97 27.52 -27.90
N ARG A 492 21.60 27.05 -28.97
CA ARG A 492 23.03 26.78 -28.98
C ARG A 492 23.71 27.75 -29.92
N GLU A 493 24.99 28.01 -29.65
CA GLU A 493 25.75 29.00 -30.39
C GLU A 493 26.89 28.32 -31.14
N ASP A 494 27.11 28.79 -32.37
CA ASP A 494 28.21 28.31 -33.21
C ASP A 494 28.93 29.56 -33.71
N GLY A 495 30.06 29.88 -33.07
CA GLY A 495 30.71 31.15 -33.37
C GLY A 495 29.78 32.30 -33.07
N ASN A 496 29.66 33.23 -34.02
CA ASN A 496 28.71 34.31 -33.88
C ASN A 496 27.30 33.89 -34.26
N SER A 497 27.14 32.78 -34.98
CA SER A 497 25.83 32.28 -35.33
C SER A 497 25.28 31.42 -34.20
N ILE A 498 23.95 31.22 -34.22
CA ILE A 498 23.26 30.42 -33.22
C ILE A 498 22.30 29.48 -33.91
N SER A 499 21.93 28.41 -33.19
CA SER A 499 20.90 27.49 -33.62
C SER A 499 20.16 27.02 -32.38
N SER A 500 19.25 26.06 -32.56
CA SER A 500 18.43 25.57 -31.45
C SER A 500 18.35 24.06 -31.53
N MET A 501 18.12 23.44 -30.37
CA MET A 501 18.03 22.00 -30.26
C MET A 501 16.90 21.68 -29.28
N MET A 502 15.77 21.19 -29.80
CA MET A 502 14.62 20.86 -28.97
C MET A 502 14.90 19.55 -28.25
N VAL A 503 14.78 19.55 -26.92
CA VAL A 503 15.00 18.39 -26.09
C VAL A 503 13.71 18.08 -25.35
N LYS A 504 13.19 16.87 -25.53
CA LYS A 504 12.00 16.46 -24.81
C LYS A 504 12.32 16.26 -23.33
N ASP A 505 11.42 16.73 -22.48
CA ASP A 505 11.56 16.60 -21.03
C ASP A 505 10.34 15.89 -20.47
N THR A 506 10.58 15.02 -19.49
CA THR A 506 9.52 14.25 -18.87
C THR A 506 9.73 14.22 -17.36
N GLU A 507 8.62 14.19 -16.62
CA GLU A 507 8.69 14.10 -15.17
C GLU A 507 9.51 12.89 -14.76
N SER A 508 10.68 13.14 -14.17
CA SER A 508 11.57 12.06 -13.76
C SER A 508 12.20 12.40 -12.42
N ARG A 509 11.42 13.00 -11.52
CA ARG A 509 11.94 13.36 -10.21
C ARG A 509 11.00 12.93 -9.09
N THR A 510 9.71 12.73 -9.40
CA THR A 510 8.77 12.15 -8.46
C THR A 510 8.49 10.69 -8.71
N THR A 511 8.49 10.26 -9.97
CA THR A 511 8.27 8.85 -10.27
C THR A 511 9.31 7.98 -9.56
N ASN A 512 10.59 8.34 -9.70
CA ASN A 512 11.64 7.67 -8.93
C ASN A 512 11.75 8.21 -7.52
N GLY A 513 11.20 9.39 -7.25
CA GLY A 513 11.28 9.96 -5.92
C GLY A 513 12.67 10.16 -5.40
N MET A 514 13.65 10.31 -6.29
CA MET A 514 15.05 10.42 -5.90
C MET A 514 15.73 11.48 -6.75
N THR A 515 16.86 11.96 -6.27
CA THR A 515 17.63 12.98 -6.99
C THR A 515 18.07 12.44 -8.35
N THR A 516 18.01 13.30 -9.36
CA THR A 516 18.35 12.92 -10.72
C THR A 516 19.28 13.97 -11.31
N VAL A 517 20.13 13.54 -12.25
CA VAL A 517 21.10 14.42 -12.88
C VAL A 517 20.91 14.35 -14.39
N ARG A 518 21.38 15.40 -15.07
CA ARG A 518 21.28 15.50 -16.52
C ARG A 518 22.43 16.36 -17.01
N PHE A 519 23.04 15.93 -18.12
CA PHE A 519 24.26 16.56 -18.60
C PHE A 519 24.12 16.94 -20.07
N VAL A 520 24.64 18.12 -20.40
CA VAL A 520 24.75 18.59 -21.79
C VAL A 520 26.19 18.99 -22.03
N ASN A 521 26.80 18.44 -23.07
CA ASN A 521 28.20 18.68 -23.39
C ASN A 521 28.29 19.57 -24.62
N THR A 522 28.59 20.86 -24.39
CA THR A 522 28.76 21.79 -25.50
C THR A 522 30.09 21.64 -26.21
N LEU A 523 31.01 20.86 -25.65
CA LEU A 523 32.33 20.71 -26.23
C LEU A 523 32.27 19.90 -27.52
N HIS A 524 33.36 19.99 -28.30
CA HIS A 524 33.50 19.20 -29.51
C HIS A 524 34.18 17.87 -29.19
N LYS A 525 34.12 17.46 -27.93
CA LYS A 525 34.74 16.21 -27.49
C LYS A 525 33.82 15.52 -26.51
N ASP A 526 33.69 14.20 -26.66
CA ASP A 526 32.89 13.43 -25.71
C ASP A 526 33.60 13.37 -24.36
N VAL A 527 32.81 13.41 -23.29
CA VAL A 527 33.32 13.47 -21.93
C VAL A 527 32.79 12.25 -21.19
N ASN A 528 33.70 11.35 -20.81
CA ASN A 528 33.32 10.20 -19.99
C ASN A 528 33.27 10.60 -18.52
N ILE A 529 32.19 10.21 -17.85
CA ILE A 529 31.94 10.62 -16.48
C ILE A 529 31.69 9.40 -15.60
N SER A 530 32.51 9.24 -14.57
CA SER A 530 32.28 8.23 -13.54
C SER A 530 31.48 8.87 -12.42
N LEU A 531 30.15 8.83 -12.58
CA LEU A 531 29.28 9.49 -11.61
C LEU A 531 29.46 8.93 -10.21
N SER A 532 29.52 7.61 -10.08
CA SER A 532 29.70 6.96 -8.80
C SER A 532 29.98 5.48 -9.03
N THR A 533 30.14 4.75 -7.93
CA THR A 533 30.36 3.31 -8.03
C THR A 533 29.17 2.59 -8.63
N ASP A 534 27.99 3.20 -8.63
CA ASP A 534 26.78 2.58 -9.13
C ASP A 534 26.38 3.04 -10.52
N THR A 535 26.89 4.17 -11.00
CA THR A 535 26.52 4.68 -12.30
C THR A 535 27.72 5.32 -12.97
N SER A 536 27.73 5.27 -14.30
CA SER A 536 28.73 5.96 -15.11
C SER A 536 28.03 6.47 -16.37
N LEU A 537 28.56 7.56 -16.92
CA LEU A 537 27.90 8.20 -18.05
C LEU A 537 28.93 8.91 -18.91
N ASN A 538 28.64 8.97 -20.21
CA ASN A 538 29.41 9.71 -21.18
C ASN A 538 28.47 10.59 -21.98
N VAL A 539 28.90 11.81 -22.28
CA VAL A 539 28.08 12.79 -22.99
C VAL A 539 28.71 13.06 -24.34
N GLY A 540 27.90 12.99 -25.39
CA GLY A 540 28.41 13.18 -26.73
C GLY A 540 28.83 14.61 -26.99
N GLU A 541 29.69 14.77 -28.00
CA GLU A 541 30.17 16.09 -28.38
C GLU A 541 29.06 16.91 -29.02
N ASP A 542 29.32 18.21 -29.16
CA ASP A 542 28.42 19.14 -29.85
C ASP A 542 27.03 19.11 -29.21
N TYR A 543 26.98 19.54 -27.95
CA TYR A 543 25.72 19.69 -27.22
C TYR A 543 24.99 18.35 -27.07
N GLY A 544 25.74 17.26 -26.92
CA GLY A 544 25.11 15.98 -26.66
C GLY A 544 24.35 15.99 -25.36
N VAL A 545 23.24 15.26 -25.34
CA VAL A 545 22.32 15.24 -24.20
C VAL A 545 22.24 13.83 -23.66
N SER A 546 22.42 13.70 -22.34
CA SER A 546 22.35 12.41 -21.68
C SER A 546 20.96 12.17 -21.09
N ALA A 547 20.68 10.92 -20.75
CA ALA A 547 19.39 10.55 -20.20
C ALA A 547 19.35 10.81 -18.70
N TYR A 548 18.15 10.74 -18.15
CA TYR A 548 17.96 10.93 -16.71
C TYR A 548 18.66 9.81 -15.95
N ARG A 549 19.60 10.18 -15.08
CA ARG A 549 20.33 9.24 -14.25
C ARG A 549 20.06 9.52 -12.79
N THR A 550 19.54 8.51 -12.08
CA THR A 550 19.30 8.65 -10.65
C THR A 550 20.60 8.47 -9.88
N VAL A 551 20.80 9.31 -8.87
CA VAL A 551 22.01 9.29 -8.06
C VAL A 551 21.63 9.38 -6.59
N GLN A 552 22.54 8.91 -5.73
CA GLN A 552 22.32 8.99 -4.30
C GLN A 552 22.40 10.44 -3.83
N ARG A 553 21.50 10.81 -2.94
CA ARG A 553 21.49 12.18 -2.43
C ARG A 553 22.75 12.46 -1.63
N GLY A 554 23.35 13.61 -1.88
CA GLY A 554 24.54 14.01 -1.15
C GLY A 554 25.37 14.96 -1.97
N GLU A 555 26.45 15.42 -1.33
CA GLU A 555 27.38 16.32 -1.99
C GLU A 555 28.36 15.54 -2.85
N TYR A 556 28.63 16.06 -4.04
CA TYR A 556 29.53 15.42 -5.01
C TYR A 556 30.51 16.47 -5.51
N PRO A 557 31.49 16.84 -4.67
CA PRO A 557 32.43 17.90 -5.07
C PRO A 557 33.56 17.44 -5.98
N ALA A 558 33.78 16.14 -6.12
CA ALA A 558 34.91 15.65 -6.90
C ALA A 558 34.51 14.52 -7.84
N VAL A 559 33.42 14.71 -8.59
CA VAL A 559 33.00 13.70 -9.55
C VAL A 559 34.09 13.55 -10.61
N HIS A 560 34.65 12.35 -10.70
CA HIS A 560 35.71 12.10 -11.67
C HIS A 560 35.13 11.89 -13.06
N CYS A 561 35.76 12.51 -14.05
CA CYS A 561 35.34 12.39 -15.43
C CYS A 561 36.56 12.59 -16.33
N ARG A 562 36.53 11.97 -17.49
CA ARG A 562 37.65 12.03 -18.43
C ARG A 562 37.13 12.42 -19.80
N THR A 563 37.75 13.44 -20.39
CA THR A 563 37.46 13.81 -21.77
C THR A 563 38.18 12.86 -22.72
N GLU A 564 38.11 13.17 -24.02
CA GLU A 564 38.86 12.41 -25.00
C GLU A 564 40.36 12.56 -24.79
N ASP A 565 40.79 13.60 -24.08
CA ASP A 565 42.20 13.90 -23.92
C ASP A 565 42.73 13.59 -22.52
N LYS A 566 42.12 14.19 -21.49
CA LYS A 566 42.66 14.14 -20.14
C LYS A 566 41.55 13.88 -19.13
N ASN A 567 41.94 13.39 -17.96
CA ASN A 567 41.02 13.20 -16.85
C ASN A 567 40.71 14.53 -16.18
N PHE A 568 39.56 14.59 -15.53
CA PHE A 568 39.11 15.81 -14.86
C PHE A 568 38.18 15.45 -13.71
N SER A 569 37.99 16.42 -12.82
CA SER A 569 37.05 16.29 -11.72
C SER A 569 36.20 17.55 -11.66
N LEU A 570 34.92 17.36 -11.33
CA LEU A 570 33.95 18.45 -11.31
C LEU A 570 33.27 18.51 -9.94
N ASN A 571 33.00 19.74 -9.48
CA ASN A 571 32.33 19.98 -8.22
C ASN A 571 30.87 20.34 -8.50
N LEU A 572 29.95 19.55 -7.96
CA LEU A 572 28.52 19.75 -8.18
C LEU A 572 27.82 20.35 -6.98
N GLY A 573 28.51 20.55 -5.86
CA GLY A 573 27.85 21.06 -4.68
C GLY A 573 26.88 20.05 -4.11
N LEU A 574 25.88 20.56 -3.40
CA LEU A 574 24.88 19.70 -2.79
C LEU A 574 23.78 19.35 -3.78
N LEU A 575 23.33 18.10 -3.73
CA LEU A 575 22.18 17.63 -4.50
C LEU A 575 21.12 17.17 -3.52
N ASP A 576 19.90 17.66 -3.69
CA ASP A 576 18.82 17.45 -2.73
C ASP A 576 17.88 16.34 -3.20
N PHE A 577 17.05 15.89 -2.27
CA PHE A 577 16.09 14.83 -2.57
C PHE A 577 14.99 15.35 -3.50
N GLY A 578 14.44 14.44 -4.30
CA GLY A 578 13.30 14.74 -5.13
C GLY A 578 13.49 15.87 -6.12
N ALA A 579 14.73 16.18 -6.48
CA ALA A 579 15.02 17.27 -7.41
C ALA A 579 15.88 16.75 -8.55
N ALA A 580 15.62 17.28 -9.74
CA ALA A 580 16.38 16.94 -10.93
C ALA A 580 17.22 18.13 -11.33
N TYR A 581 18.48 17.86 -11.69
CA TYR A 581 19.45 18.89 -12.02
C TYR A 581 19.96 18.69 -13.43
N LEU A 582 20.17 19.79 -14.14
CA LEU A 582 20.73 19.77 -15.49
C LEU A 582 22.06 20.51 -15.45
N PHE A 583 23.11 19.86 -15.93
CA PHE A 583 24.45 20.43 -15.93
C PHE A 583 24.94 20.61 -17.36
N VAL A 584 25.49 21.78 -17.65
CA VAL A 584 26.05 22.09 -18.96
C VAL A 584 27.56 22.13 -18.84
N ILE A 585 28.24 21.30 -19.63
CA ILE A 585 29.70 21.21 -19.61
C ILE A 585 30.24 22.21 -20.62
N THR A 586 31.16 23.07 -20.18
CA THR A 586 31.72 24.11 -21.01
C THR A 586 33.24 24.14 -20.83
N ASN A 587 33.92 24.60 -21.88
CA ASN A 587 35.37 24.70 -21.86
C ASN A 587 35.80 25.90 -21.02
N ASN A 588 36.90 25.75 -20.29
CA ASN A 588 37.47 26.82 -19.49
C ASN A 588 38.98 26.79 -19.63
N THR A 589 39.58 27.97 -19.76
CA THR A 589 41.03 28.06 -19.89
C THR A 589 41.75 27.56 -18.66
N ASN A 590 41.15 27.68 -17.49
CA ASN A 590 41.76 27.26 -16.23
C ASN A 590 41.12 26.00 -15.64
N GLN A 591 39.79 25.96 -15.53
CA GLN A 591 39.12 24.81 -14.97
C GLN A 591 39.10 23.61 -15.90
N GLY A 592 39.37 23.80 -17.18
CA GLY A 592 39.17 22.74 -18.15
C GLY A 592 37.71 22.49 -18.36
N LEU A 593 37.21 21.37 -17.86
CA LEU A 593 35.77 21.11 -17.88
C LEU A 593 35.07 22.01 -16.88
N GLN A 594 34.22 22.91 -17.38
CA GLN A 594 33.45 23.82 -16.55
C GLN A 594 31.98 23.41 -16.61
N ALA A 595 31.39 23.18 -15.45
CA ALA A 595 30.01 22.72 -15.35
C ALA A 595 29.13 23.84 -14.80
N TRP A 596 28.03 24.12 -15.49
CA TRP A 596 27.04 25.08 -15.05
C TRP A 596 25.85 24.33 -14.47
N LYS A 597 25.44 24.70 -13.27
CA LYS A 597 24.42 23.97 -12.54
C LYS A 597 23.06 24.67 -12.68
N ILE A 598 22.04 23.90 -13.00
CA ILE A 598 20.68 24.39 -13.11
C ILE A 598 19.73 23.35 -12.51
N GLU A 599 18.76 23.81 -11.73
CA GLU A 599 17.77 22.93 -11.15
C GLU A 599 16.69 22.65 -12.20
N ASP A 600 16.58 21.39 -12.62
CA ASP A 600 15.61 21.04 -13.65
C ASP A 600 14.18 21.21 -13.13
N ILE A 601 13.88 20.63 -11.96
CA ILE A 601 12.55 20.71 -11.37
C ILE A 601 12.68 20.77 -9.85
N PRO A 602 11.82 21.49 -9.14
CA PRO A 602 11.85 21.45 -7.68
C PRO A 602 11.02 20.30 -7.13
N ALA A 603 10.96 20.24 -5.79
CA ALA A 603 10.28 19.16 -5.11
C ALA A 603 8.86 19.58 -4.72
N ASN A 604 8.13 18.63 -4.14
CA ASN A 604 6.76 18.87 -3.72
C ASN A 604 6.73 19.69 -2.43
N LYS A 605 5.56 20.25 -2.12
CA LYS A 605 5.40 21.10 -0.95
C LYS A 605 4.62 20.45 0.18
N MET A 606 3.99 19.30 -0.07
CA MET A 606 3.12 18.66 0.91
C MET A 606 3.91 17.57 1.63
N SER A 607 4.01 17.68 2.95
CA SER A 607 4.80 16.76 3.75
C SER A 607 4.00 15.50 4.07
N ILE A 608 4.67 14.35 4.00
CA ILE A 608 4.00 13.08 4.30
C ILE A 608 3.51 13.02 5.73
N ALA A 609 4.13 13.79 6.64
CA ALA A 609 3.72 13.74 8.04
C ALA A 609 2.25 14.07 8.22
N TRP A 610 1.67 14.83 7.28
CA TRP A 610 0.26 15.19 7.38
C TRP A 610 -0.67 14.00 7.25
N GLN A 611 -0.14 12.81 6.98
CA GLN A 611 -0.98 11.61 6.94
C GLN A 611 -1.14 10.96 8.30
N LEU A 612 -0.38 11.41 9.30
CA LEU A 612 -0.52 10.82 10.64
C LEU A 612 -1.92 10.95 11.20
N PRO A 613 -2.61 12.09 11.08
CA PRO A 613 -3.95 12.20 11.67
C PRO A 613 -4.90 11.10 11.22
N GLN A 614 -4.80 10.65 9.97
CA GLN A 614 -5.68 9.57 9.51
C GLN A 614 -5.48 8.32 10.37
N TYR A 615 -4.23 7.90 10.53
CA TYR A 615 -3.96 6.68 11.29
C TYR A 615 -4.34 6.85 12.76
N ALA A 616 -4.21 8.06 13.30
CA ALA A 616 -4.61 8.29 14.69
C ALA A 616 -6.10 7.99 14.88
N LEU A 617 -6.93 8.41 13.93
CA LEU A 617 -8.37 8.18 14.04
C LEU A 617 -8.71 6.73 13.74
N VAL A 618 -8.33 6.24 12.56
CA VAL A 618 -8.77 4.91 12.14
C VAL A 618 -8.24 3.84 13.08
N THR A 619 -6.98 3.98 13.53
CA THR A 619 -6.44 2.99 14.46
C THR A 619 -7.10 3.09 15.83
N ALA A 620 -7.61 4.27 16.20
CA ALA A 620 -8.35 4.39 17.45
C ALA A 620 -9.63 3.57 17.40
N GLY A 621 -10.31 3.55 16.26
CA GLY A 621 -11.50 2.74 16.10
C GLY A 621 -11.18 1.26 16.14
N GLU A 622 -10.11 0.85 15.46
CA GLU A 622 -9.74 -0.56 15.42
C GLU A 622 -9.55 -1.11 16.82
N VAL A 623 -8.74 -0.44 17.64
CA VAL A 623 -8.50 -0.92 19.00
C VAL A 623 -9.79 -0.95 19.80
N MET A 624 -10.71 -0.04 19.50
CA MET A 624 -11.98 0.03 20.22
C MET A 624 -13.04 -0.86 19.59
N PHE A 625 -12.80 -1.39 18.39
CA PHE A 625 -13.76 -2.23 17.70
C PHE A 625 -13.28 -3.66 17.54
N SER A 626 -12.10 -3.85 16.93
CA SER A 626 -11.60 -5.20 16.68
C SER A 626 -11.45 -5.98 17.99
N VAL A 627 -10.79 -5.39 18.98
CA VAL A 627 -10.53 -6.10 20.23
C VAL A 627 -11.84 -6.43 20.92
N THR A 628 -12.71 -5.43 21.09
CA THR A 628 -13.95 -5.66 21.83
C THR A 628 -14.84 -6.66 21.10
N GLY A 629 -14.96 -6.53 19.79
CA GLY A 629 -15.79 -7.47 19.04
C GLY A 629 -15.29 -8.89 19.14
N LEU A 630 -13.97 -9.08 19.10
CA LEU A 630 -13.42 -10.42 19.18
C LEU A 630 -13.79 -11.08 20.51
N GLU A 631 -13.67 -10.34 21.60
CA GLU A 631 -14.06 -10.88 22.90
C GLU A 631 -15.57 -11.05 22.98
N PHE A 632 -16.32 -10.19 22.28
CA PHE A 632 -17.77 -10.33 22.26
C PHE A 632 -18.17 -11.64 21.58
N SER A 633 -17.49 -12.01 20.49
CA SER A 633 -17.81 -13.25 19.80
C SER A 633 -17.51 -14.46 20.69
N TYR A 634 -16.30 -14.51 21.26
CA TYR A 634 -15.91 -15.68 22.04
C TYR A 634 -16.80 -15.87 23.27
N SER A 635 -17.26 -14.78 23.86
CA SER A 635 -17.99 -14.87 25.13
C SER A 635 -19.49 -14.96 24.94
N GLN A 636 -20.03 -14.40 23.86
CA GLN A 636 -21.48 -14.32 23.69
C GLN A 636 -22.07 -15.53 22.99
N ALA A 637 -21.25 -16.41 22.41
CA ALA A 637 -21.77 -17.56 21.71
C ALA A 637 -22.38 -18.55 22.70
N PRO A 638 -23.39 -19.31 22.29
CA PRO A 638 -23.88 -20.40 23.14
C PRO A 638 -22.82 -21.45 23.37
N SER A 639 -23.13 -22.41 24.24
CA SER A 639 -22.18 -23.46 24.59
C SER A 639 -21.74 -24.22 23.35
N SER A 640 -20.43 -24.35 23.18
CA SER A 640 -19.84 -25.16 22.13
C SER A 640 -20.05 -24.57 20.74
N MET A 641 -20.77 -23.45 20.65
CA MET A 641 -20.98 -22.79 19.37
C MET A 641 -19.94 -21.73 19.08
N LYS A 642 -18.94 -21.56 19.96
CA LYS A 642 -17.97 -20.50 19.78
C LYS A 642 -17.28 -20.59 18.42
N SER A 643 -17.09 -21.81 17.92
CA SER A 643 -16.42 -21.97 16.64
C SER A 643 -17.18 -21.30 15.50
N VAL A 644 -18.51 -21.27 15.58
CA VAL A 644 -19.28 -20.69 14.49
C VAL A 644 -19.02 -19.20 14.37
N LEU A 645 -19.09 -18.46 15.48
CA LEU A 645 -18.86 -17.02 15.42
C LEU A 645 -17.44 -16.70 14.98
N GLN A 646 -16.45 -17.44 15.49
CA GLN A 646 -15.07 -17.22 15.03
C GLN A 646 -14.97 -17.40 13.53
N ALA A 647 -15.79 -18.29 12.96
CA ALA A 647 -15.83 -18.41 11.51
C ALA A 647 -16.58 -17.24 10.89
N ALA A 648 -17.68 -16.83 11.50
CA ALA A 648 -18.44 -15.69 10.98
C ALA A 648 -17.65 -14.39 11.11
N TRP A 649 -16.82 -14.28 12.14
CA TRP A 649 -16.07 -13.05 12.35
C TRP A 649 -15.11 -12.78 11.19
N LEU A 650 -14.43 -13.81 10.71
CA LEU A 650 -13.52 -13.61 9.58
C LEU A 650 -14.28 -13.47 8.27
N LEU A 651 -15.44 -14.10 8.15
CA LEU A 651 -16.22 -13.97 6.92
C LEU A 651 -16.57 -12.51 6.65
N THR A 652 -17.02 -11.79 7.68
CA THR A 652 -17.35 -10.38 7.49
C THR A 652 -16.11 -9.57 7.12
N ILE A 653 -14.92 -10.03 7.51
CA ILE A 653 -13.70 -9.39 7.05
C ILE A 653 -13.51 -9.63 5.55
N ALA A 654 -13.69 -10.88 5.13
CA ALA A 654 -13.54 -11.19 3.71
C ALA A 654 -14.56 -10.43 2.87
N VAL A 655 -15.82 -10.46 3.29
CA VAL A 655 -16.85 -9.73 2.54
C VAL A 655 -16.57 -8.24 2.57
N GLY A 656 -15.93 -7.75 3.63
CA GLY A 656 -15.61 -6.35 3.70
C GLY A 656 -14.67 -5.91 2.60
N ASN A 657 -13.63 -6.70 2.35
CA ASN A 657 -12.67 -6.35 1.32
C ASN A 657 -13.28 -6.41 -0.08
N ILE A 658 -14.16 -7.38 -0.32
CA ILE A 658 -14.78 -7.47 -1.65
C ILE A 658 -15.53 -6.20 -1.99
N ILE A 659 -16.09 -5.51 -0.98
CA ILE A 659 -16.76 -4.24 -1.25
C ILE A 659 -15.76 -3.22 -1.79
N VAL A 660 -14.53 -3.24 -1.28
CA VAL A 660 -13.50 -2.35 -1.81
C VAL A 660 -13.13 -2.76 -3.23
N LEU A 661 -13.18 -4.06 -3.52
CA LEU A 661 -12.81 -4.53 -4.85
C LEU A 661 -13.77 -3.99 -5.91
N VAL A 662 -15.08 -4.16 -5.69
CA VAL A 662 -16.05 -3.72 -6.69
C VAL A 662 -16.04 -2.20 -6.79
N VAL A 663 -15.98 -1.50 -5.66
CA VAL A 663 -15.96 -0.04 -5.67
C VAL A 663 -14.70 0.46 -6.38
N ALA A 664 -13.56 -0.17 -6.09
CA ALA A 664 -12.31 0.30 -6.67
C ALA A 664 -12.24 0.07 -8.18
N GLN A 665 -13.13 -0.77 -8.72
CA GLN A 665 -13.06 -1.13 -10.13
C GLN A 665 -14.22 -0.56 -10.95
N PHE A 666 -15.46 -0.80 -10.50
CA PHE A 666 -16.64 -0.43 -11.27
C PHE A 666 -17.24 0.91 -10.87
N SER A 667 -16.63 1.63 -9.92
CA SER A 667 -17.20 2.90 -9.48
C SER A 667 -16.80 4.05 -10.39
N GLY A 668 -15.49 4.31 -10.52
CA GLY A 668 -15.01 5.36 -11.40
C GLY A 668 -15.03 6.76 -10.83
N LEU A 669 -15.13 6.90 -9.51
CA LEU A 669 -15.12 8.22 -8.90
C LEU A 669 -13.71 8.78 -8.83
N VAL A 670 -13.63 10.08 -8.54
CA VAL A 670 -12.35 10.71 -8.23
C VAL A 670 -11.97 10.33 -6.80
N GLN A 671 -10.67 10.15 -6.58
CA GLN A 671 -10.23 9.57 -5.31
C GLN A 671 -10.73 10.38 -4.12
N TRP A 672 -10.60 11.71 -4.18
CA TRP A 672 -11.06 12.52 -3.06
C TRP A 672 -12.55 12.29 -2.80
N ALA A 673 -13.32 12.00 -3.86
CA ALA A 673 -14.73 11.70 -3.67
C ALA A 673 -14.92 10.31 -3.08
N GLU A 674 -14.05 9.36 -3.41
CA GLU A 674 -14.21 8.00 -2.90
C GLU A 674 -14.12 7.95 -1.38
N PHE A 675 -13.13 8.63 -0.81
CA PHE A 675 -13.01 8.64 0.64
C PHE A 675 -14.25 9.25 1.28
N ILE A 676 -14.83 10.28 0.66
CA ILE A 676 -16.10 10.82 1.15
C ILE A 676 -17.18 9.76 1.05
N LEU A 677 -17.21 9.00 -0.05
CA LEU A 677 -18.22 7.97 -0.22
C LEU A 677 -18.19 6.98 0.94
N PHE A 678 -17.02 6.42 1.22
CA PHE A 678 -16.92 5.45 2.31
C PHE A 678 -17.24 6.08 3.65
N SER A 679 -16.79 7.32 3.87
CA SER A 679 -17.05 7.98 5.14
C SER A 679 -18.55 8.08 5.40
N CYS A 680 -19.30 8.60 4.43
CA CYS A 680 -20.75 8.71 4.62
C CYS A 680 -21.42 7.35 4.53
N LEU A 681 -20.94 6.46 3.65
CA LEU A 681 -21.55 5.14 3.52
C LEU A 681 -21.48 4.39 4.84
N LEU A 682 -20.32 4.40 5.49
CA LEU A 682 -20.19 3.72 6.77
C LEU A 682 -21.01 4.41 7.85
N LEU A 683 -21.11 5.75 7.79
CA LEU A 683 -21.88 6.48 8.79
C LEU A 683 -23.32 6.00 8.80
N VAL A 684 -23.90 5.77 7.62
CA VAL A 684 -25.25 5.22 7.54
C VAL A 684 -25.29 3.85 8.21
N ILE A 685 -24.30 3.01 7.93
CA ILE A 685 -24.27 1.67 8.51
C ILE A 685 -24.20 1.76 10.03
N CYS A 686 -23.38 2.67 10.55
CA CYS A 686 -23.25 2.82 12.00
C CYS A 686 -24.62 3.06 12.64
N LEU A 687 -25.46 3.89 12.01
CA LEU A 687 -26.81 4.09 12.51
C LEU A 687 -27.59 2.78 12.48
N ILE A 688 -27.47 2.02 11.38
CA ILE A 688 -28.15 0.73 11.29
C ILE A 688 -27.63 -0.21 12.37
N PHE A 689 -26.31 -0.26 12.54
CA PHE A 689 -25.73 -1.14 13.56
C PHE A 689 -26.18 -0.73 14.94
N SER A 690 -26.10 0.57 15.26
CA SER A 690 -26.50 1.03 16.58
C SER A 690 -27.97 0.74 16.84
N ILE A 691 -28.84 1.01 15.86
CA ILE A 691 -30.26 0.72 16.02
C ILE A 691 -30.47 -0.77 16.25
N MET A 692 -29.80 -1.60 15.45
CA MET A 692 -29.92 -3.05 15.62
C MET A 692 -29.41 -3.48 16.98
N GLY A 693 -28.27 -2.95 17.40
CA GLY A 693 -27.70 -3.34 18.69
C GLY A 693 -28.52 -2.88 19.87
N TYR A 694 -29.28 -1.79 19.69
CA TYR A 694 -30.05 -1.24 20.80
C TYR A 694 -31.03 -2.25 21.38
N TYR A 695 -31.55 -3.15 20.55
CA TYR A 695 -32.57 -4.10 20.97
C TYR A 695 -31.99 -5.47 21.33
N TYR A 696 -30.67 -5.62 21.33
CA TYR A 696 -30.06 -6.90 21.69
C TYR A 696 -30.03 -7.07 23.20
N VAL A 697 -29.95 -8.32 23.63
CA VAL A 697 -29.89 -8.65 25.06
C VAL A 697 -28.76 -7.89 25.73
N ALA B 1 -3.41 -3.63 13.50
CA ALA B 1 -3.39 -4.91 12.75
C ALA B 1 -4.26 -5.96 13.45
N PHE B 2 -4.47 -7.08 12.77
CA PHE B 2 -5.30 -8.16 13.31
C PHE B 2 -5.04 -9.47 12.58
#